data_4JQ5
#
_entry.id   4JQ5
#
_cell.length_a   63.820
_cell.length_b   77.097
_cell.length_c   77.197
_cell.angle_alpha   120.040
_cell.angle_beta   90.120
_cell.angle_gamma   89.960
#
_symmetry.space_group_name_H-M   'P 1'
#
_entity_poly.entity_id   1
_entity_poly.type   'polypeptide(L)'
_entity_poly.pdbx_seq_one_letter_code
;SAPADYFRILVQQFEVQLQQYRQQIEELENHLATQANNSHITPQDLSMAMQKIYQTFVALAAQLQSIHENVKVLKEQYLG
YRKMFL
;
_entity_poly.pdbx_strand_id   A,B,C,D,E,F,G,H,I,J,K,L
#
# COMPACT_ATOMS: atom_id res chain seq x y z
N ALA A 2 20.22 0.21 -11.06
CA ALA A 2 19.16 0.56 -10.11
C ALA A 2 19.38 -0.14 -8.78
N PRO A 3 19.78 -1.42 -8.81
CA PRO A 3 20.06 -2.13 -7.56
C PRO A 3 21.17 -1.47 -6.76
N ALA A 4 22.33 -1.28 -7.39
CA ALA A 4 23.49 -0.70 -6.72
C ALA A 4 23.13 0.61 -6.01
N ASP A 5 22.24 1.40 -6.61
CA ASP A 5 21.81 2.65 -6.02
C ASP A 5 21.05 2.41 -4.72
N TYR A 6 20.09 1.49 -4.76
CA TYR A 6 19.30 1.16 -3.59
C TYR A 6 20.22 0.73 -2.45
N PHE A 7 21.10 -0.22 -2.73
CA PHE A 7 22.01 -0.75 -1.73
C PHE A 7 22.98 0.34 -1.24
N ARG A 8 23.29 1.28 -2.11
CA ARG A 8 24.13 2.41 -1.73
C ARG A 8 23.41 3.22 -0.65
N ILE A 9 22.10 3.36 -0.81
CA ILE A 9 21.29 4.05 0.18
C ILE A 9 21.13 3.23 1.46
N LEU A 10 21.10 1.91 1.33
CA LEU A 10 21.03 1.04 2.50
C LEU A 10 22.31 1.12 3.31
N VAL A 11 23.44 1.30 2.61
CA VAL A 11 24.73 1.40 3.26
C VAL A 11 24.82 2.75 3.96
N GLN A 12 24.34 3.79 3.30
CA GLN A 12 24.33 5.12 3.89
C GLN A 12 23.49 5.12 5.16
N GLN A 13 22.38 4.39 5.14
CA GLN A 13 21.51 4.27 6.30
C GLN A 13 22.24 3.61 7.45
N PHE A 14 22.83 2.44 7.18
CA PHE A 14 23.53 1.68 8.20
C PHE A 14 24.61 2.52 8.89
N GLU A 15 25.40 3.23 8.09
CA GLU A 15 26.51 4.03 8.61
C GLU A 15 26.01 5.16 9.50
N VAL A 16 25.04 5.92 8.99
CA VAL A 16 24.51 7.06 9.72
C VAL A 16 23.77 6.63 10.98
N GLN A 17 23.24 5.40 10.96
CA GLN A 17 22.53 4.88 12.11
C GLN A 17 23.54 4.47 13.17
N LEU A 18 24.66 3.93 12.71
CA LEU A 18 25.74 3.52 13.60
C LEU A 18 26.41 4.75 14.20
N GLN A 19 26.40 5.85 13.44
CA GLN A 19 26.93 7.12 13.91
C GLN A 19 26.08 7.70 15.02
N GLN A 20 24.78 7.82 14.76
CA GLN A 20 23.82 8.33 15.74
C GLN A 20 23.93 7.52 17.03
N TYR A 21 23.98 6.20 16.87
CA TYR A 21 24.08 5.28 18.00
C TYR A 21 25.31 5.60 18.85
N ARG A 22 26.46 5.67 18.18
CA ARG A 22 27.71 5.96 18.84
C ARG A 22 27.67 7.32 19.53
N GLN A 23 26.88 8.23 18.96
CA GLN A 23 26.73 9.57 19.52
C GLN A 23 25.97 9.51 20.85
N GLN A 24 24.89 8.74 20.88
CA GLN A 24 24.09 8.59 22.08
C GLN A 24 24.92 7.98 23.20
N ILE A 25 25.68 6.94 22.88
CA ILE A 25 26.56 6.31 23.86
C ILE A 25 27.64 7.29 24.32
N GLU A 26 28.15 8.10 23.39
CA GLU A 26 29.16 9.09 23.70
C GLU A 26 28.60 10.13 24.66
N GLU A 27 27.31 10.41 24.53
CA GLU A 27 26.65 11.37 25.40
C GLU A 27 26.56 10.80 26.81
N LEU A 28 26.13 9.55 26.91
CA LEU A 28 26.08 8.86 28.20
C LEU A 28 27.42 8.96 28.92
N GLU A 29 28.48 8.51 28.27
CA GLU A 29 29.82 8.53 28.85
C GLU A 29 30.19 9.94 29.31
N ASN A 30 30.02 10.91 28.43
CA ASN A 30 30.36 12.30 28.73
C ASN A 30 29.50 12.86 29.86
N HIS A 31 28.33 12.28 30.06
CA HIS A 31 27.44 12.69 31.14
C HIS A 31 27.93 12.14 32.47
N LEU A 32 28.45 10.91 32.45
CA LEU A 32 28.98 10.29 33.65
C LEU A 32 30.33 10.87 34.03
N ALA A 33 31.06 11.35 33.02
CA ALA A 33 32.38 11.93 33.26
C ALA A 33 32.27 13.31 33.88
N THR A 34 31.09 13.91 33.77
CA THR A 34 30.85 15.23 34.33
C THR A 34 30.08 15.14 35.65
N GLN A 35 29.14 14.22 35.72
CA GLN A 35 28.34 14.03 36.92
C GLN A 35 29.13 13.26 37.98
N ALA A 36 30.34 12.86 37.64
CA ALA A 36 31.25 12.22 38.58
C ALA A 36 32.36 13.18 39.01
N ASN A 37 32.57 14.23 38.22
CA ASN A 37 33.58 15.22 38.52
C ASN A 37 33.05 16.27 39.49
N ASN A 38 31.83 16.75 39.22
CA ASN A 38 31.21 17.74 40.10
C ASN A 38 30.89 17.15 41.46
N SER A 39 30.24 15.99 41.47
CA SER A 39 29.93 15.26 42.69
C SER A 39 30.14 13.78 42.39
N HIS A 40 29.52 12.90 43.16
CA HIS A 40 29.71 11.46 42.99
C HIS A 40 28.53 10.76 42.35
N ILE A 41 28.82 9.95 41.33
CA ILE A 41 27.81 9.12 40.68
C ILE A 41 27.21 8.14 41.69
N THR A 42 25.91 7.91 41.57
CA THR A 42 25.20 7.02 42.50
C THR A 42 24.69 5.78 41.79
N PRO A 43 24.46 4.70 42.55
CA PRO A 43 23.89 3.47 42.00
C PRO A 43 22.66 3.74 41.13
N GLN A 44 21.94 4.81 41.43
CA GLN A 44 20.78 5.20 40.64
C GLN A 44 21.21 5.63 39.23
N ASP A 45 22.31 6.38 39.17
CA ASP A 45 22.85 6.83 37.90
C ASP A 45 23.31 5.65 37.07
N LEU A 46 24.02 4.73 37.71
CA LEU A 46 24.55 3.54 37.04
C LEU A 46 23.42 2.71 36.47
N SER A 47 22.35 2.56 37.25
CA SER A 47 21.20 1.77 36.85
C SER A 47 20.50 2.37 35.62
N MET A 48 20.22 3.67 35.68
CA MET A 48 19.53 4.36 34.60
C MET A 48 20.39 4.42 33.35
N ALA A 49 21.71 4.43 33.52
CA ALA A 49 22.62 4.45 32.40
C ALA A 49 22.57 3.11 31.67
N MET A 50 22.66 2.03 32.42
CA MET A 50 22.56 0.68 31.86
C MET A 50 21.24 0.56 31.12
N GLN A 51 20.19 1.09 31.72
CA GLN A 51 18.86 1.01 31.13
C GLN A 51 18.82 1.77 29.80
N LYS A 52 19.46 2.93 29.74
CA LYS A 52 19.47 3.71 28.51
C LYS A 52 20.31 3.04 27.43
N ILE A 53 21.30 2.26 27.85
CA ILE A 53 22.10 1.50 26.90
C ILE A 53 21.27 0.40 26.25
N TYR A 54 20.54 -0.36 27.06
CA TYR A 54 19.67 -1.40 26.53
C TYR A 54 18.61 -0.84 25.58
N GLN A 55 17.99 0.26 25.99
CA GLN A 55 16.95 0.91 25.18
C GLN A 55 17.53 1.38 23.85
N THR A 56 18.71 2.00 23.92
CA THR A 56 19.35 2.57 22.76
C THR A 56 19.72 1.46 21.77
N PHE A 57 20.11 0.30 22.29
CA PHE A 57 20.46 -0.80 21.42
C PHE A 57 19.23 -1.49 20.82
N VAL A 58 18.12 -1.50 21.55
CA VAL A 58 16.89 -2.06 21.02
C VAL A 58 16.43 -1.23 19.83
N ALA A 59 16.58 0.09 19.94
CA ALA A 59 16.28 1.00 18.83
C ALA A 59 17.19 0.70 17.64
N LEU A 60 18.50 0.74 17.86
CA LEU A 60 19.46 0.46 16.81
C LEU A 60 19.15 -0.88 16.16
N ALA A 61 18.71 -1.84 16.96
CA ALA A 61 18.49 -3.19 16.48
C ALA A 61 17.31 -3.20 15.51
N ALA A 62 16.26 -2.46 15.87
CA ALA A 62 15.12 -2.29 14.99
C ALA A 62 15.58 -1.73 13.65
N GLN A 63 16.36 -0.66 13.67
CA GLN A 63 16.89 -0.06 12.46
C GLN A 63 17.63 -1.11 11.62
N LEU A 64 18.45 -1.92 12.29
CA LEU A 64 19.28 -2.91 11.61
C LEU A 64 18.43 -3.99 10.96
N GLN A 65 17.32 -4.34 11.62
CA GLN A 65 16.47 -5.40 11.11
C GLN A 65 15.73 -4.92 9.87
N SER A 66 15.32 -3.66 9.87
CA SER A 66 14.71 -3.06 8.69
C SER A 66 15.67 -3.14 7.51
N ILE A 67 16.90 -2.68 7.72
CA ILE A 67 17.92 -2.76 6.68
C ILE A 67 18.11 -4.20 6.22
N HIS A 68 18.05 -5.12 7.18
CA HIS A 68 18.25 -6.54 6.89
C HIS A 68 17.14 -7.09 6.00
N GLU A 69 15.92 -6.59 6.20
CA GLU A 69 14.79 -7.02 5.40
C GLU A 69 14.98 -6.53 3.96
N ASN A 70 15.42 -5.28 3.82
CA ASN A 70 15.67 -4.73 2.50
C ASN A 70 16.72 -5.51 1.72
N VAL A 71 17.83 -5.87 2.37
CA VAL A 71 18.85 -6.65 1.69
C VAL A 71 18.33 -8.05 1.35
N LYS A 72 17.50 -8.60 2.24
CA LYS A 72 16.91 -9.92 2.00
C LYS A 72 16.07 -9.91 0.73
N VAL A 73 15.32 -8.84 0.53
CA VAL A 73 14.52 -8.68 -0.69
C VAL A 73 15.43 -8.62 -1.91
N LEU A 74 16.46 -7.77 -1.83
CA LEU A 74 17.44 -7.68 -2.90
C LEU A 74 18.02 -9.06 -3.22
N LYS A 75 18.16 -9.89 -2.20
CA LYS A 75 18.68 -11.24 -2.39
C LYS A 75 17.66 -12.14 -3.07
N GLU A 76 16.39 -11.96 -2.72
CA GLU A 76 15.31 -12.73 -3.30
C GLU A 76 15.27 -12.52 -4.80
N GLN A 77 15.38 -11.26 -5.21
CA GLN A 77 15.36 -10.90 -6.63
C GLN A 77 16.62 -11.42 -7.32
N TYR A 78 17.76 -11.22 -6.66
CA TYR A 78 19.05 -11.69 -7.17
C TYR A 78 18.96 -13.18 -7.51
N LEU A 79 18.24 -13.93 -6.68
CA LEU A 79 18.04 -15.35 -6.91
C LEU A 79 16.98 -15.57 -7.99
N GLY A 80 16.00 -14.67 -8.05
CA GLY A 80 14.97 -14.75 -9.07
C GLY A 80 15.57 -14.84 -10.45
N TYR A 81 16.55 -13.96 -10.72
CA TYR A 81 17.26 -13.99 -11.99
C TYR A 81 18.24 -15.15 -12.06
N ARG A 82 19.12 -15.23 -11.06
CA ARG A 82 20.19 -16.22 -11.01
C ARG A 82 19.68 -17.65 -11.22
N LYS A 83 18.42 -17.88 -10.88
CA LYS A 83 17.84 -19.22 -11.01
C LYS A 83 17.45 -19.50 -12.46
N MET A 84 16.94 -18.46 -13.13
CA MET A 84 16.53 -18.59 -14.53
C MET A 84 17.74 -18.78 -15.43
N PHE A 85 18.73 -17.91 -15.28
CA PHE A 85 19.94 -17.97 -16.10
C PHE A 85 20.78 -19.21 -15.79
N LEU A 86 20.43 -19.91 -14.71
CA LEU A 86 21.13 -21.13 -14.34
C LEU A 86 20.17 -22.14 -13.72
N ALA B 2 35.78 1.15 51.52
CA ALA B 2 34.53 0.44 51.37
C ALA B 2 33.42 1.13 52.16
N PRO B 3 32.17 1.00 51.71
CA PRO B 3 31.80 0.31 50.47
C PRO B 3 31.86 1.24 49.25
N ALA B 4 32.00 2.54 49.49
CA ALA B 4 32.09 3.51 48.41
C ALA B 4 33.25 3.19 47.48
N ASP B 5 34.29 2.58 48.03
CA ASP B 5 35.44 2.15 47.24
C ASP B 5 35.03 1.05 46.27
N TYR B 6 34.26 0.10 46.78
CA TYR B 6 33.75 -1.01 45.98
C TYR B 6 32.93 -0.49 44.81
N PHE B 7 31.96 0.38 45.11
CA PHE B 7 31.12 0.95 44.08
C PHE B 7 31.93 1.81 43.12
N ARG B 8 33.00 2.42 43.62
CA ARG B 8 33.86 3.25 42.79
C ARG B 8 34.58 2.38 41.77
N ILE B 9 34.94 1.16 42.18
CA ILE B 9 35.51 0.19 41.26
C ILE B 9 34.48 -0.23 40.21
N LEU B 10 33.24 -0.47 40.67
CA LEU B 10 32.17 -0.89 39.77
C LEU B 10 31.89 0.18 38.71
N VAL B 11 31.99 1.45 39.10
CA VAL B 11 31.75 2.56 38.19
C VAL B 11 32.89 2.69 37.21
N GLN B 12 34.11 2.51 37.70
CA GLN B 12 35.29 2.56 36.84
C GLN B 12 35.18 1.47 35.78
N GLN B 13 34.63 0.33 36.18
CA GLN B 13 34.46 -0.80 35.26
C GLN B 13 33.40 -0.50 34.21
N PHE B 14 32.29 0.10 34.63
CA PHE B 14 31.23 0.47 33.71
C PHE B 14 31.77 1.39 32.62
N GLU B 15 32.41 2.48 33.04
CA GLU B 15 32.95 3.47 32.10
C GLU B 15 33.93 2.83 31.13
N VAL B 16 34.92 2.12 31.65
CA VAL B 16 35.96 1.55 30.81
C VAL B 16 35.39 0.55 29.81
N GLN B 17 34.36 -0.20 30.22
CA GLN B 17 33.70 -1.16 29.34
C GLN B 17 32.94 -0.44 28.25
N LEU B 18 32.34 0.69 28.60
CA LEU B 18 31.55 1.47 27.66
C LEU B 18 32.48 2.09 26.61
N GLN B 19 33.69 2.42 27.02
CA GLN B 19 34.69 2.96 26.10
C GLN B 19 35.20 1.90 25.12
N GLN B 20 35.60 0.75 25.64
CA GLN B 20 36.06 -0.35 24.79
C GLN B 20 35.00 -0.66 23.74
N TYR B 21 33.75 -0.75 24.18
CA TYR B 21 32.63 -1.04 23.30
C TYR B 21 32.52 0.04 22.22
N ARG B 22 32.57 1.30 22.64
CA ARG B 22 32.47 2.41 21.72
C ARG B 22 33.54 2.34 20.65
N GLN B 23 34.74 1.93 21.03
CA GLN B 23 35.86 1.92 20.10
C GLN B 23 35.83 0.69 19.21
N GLN B 24 35.18 -0.37 19.67
CA GLN B 24 34.94 -1.53 18.81
C GLN B 24 33.97 -1.14 17.72
N ILE B 25 32.99 -0.32 18.06
CA ILE B 25 32.05 0.22 17.08
C ILE B 25 32.74 1.16 16.12
N GLU B 26 33.63 2.00 16.64
CA GLU B 26 34.37 2.95 15.81
C GLU B 26 35.23 2.21 14.80
N GLU B 27 35.82 1.10 15.24
CA GLU B 27 36.67 0.29 14.37
C GLU B 27 35.86 -0.21 13.18
N LEU B 28 34.58 -0.48 13.42
CA LEU B 28 33.68 -0.93 12.36
C LEU B 28 33.38 0.22 11.40
N GLU B 29 33.02 1.37 11.96
CA GLU B 29 32.73 2.56 11.16
C GLU B 29 33.89 2.91 10.24
N ASN B 30 35.11 2.71 10.73
CA ASN B 30 36.30 3.04 9.96
C ASN B 30 36.66 1.93 8.98
N HIS B 31 36.33 0.71 9.35
CA HIS B 31 36.53 -0.43 8.46
C HIS B 31 35.64 -0.27 7.23
N LEU B 32 34.46 0.31 7.43
CA LEU B 32 33.54 0.55 6.32
C LEU B 32 33.94 1.80 5.54
N ALA B 33 34.40 2.82 6.27
CA ALA B 33 34.90 4.04 5.63
C ALA B 33 36.07 3.70 4.72
N THR B 34 36.83 2.68 5.10
CA THR B 34 37.94 2.20 4.29
C THR B 34 37.42 1.54 3.02
N GLN B 35 36.61 0.50 3.19
CA GLN B 35 36.04 -0.22 2.06
C GLN B 35 34.85 0.52 1.44
N ALA B 36 34.85 1.84 1.57
CA ALA B 36 33.89 2.68 0.86
C ALA B 36 34.61 3.49 -0.21
N ASN B 37 35.91 3.74 0.02
CA ASN B 37 36.74 4.45 -0.95
C ASN B 37 37.87 3.57 -1.50
N ASN B 38 37.88 2.31 -1.07
CA ASN B 38 38.82 1.33 -1.62
C ASN B 38 38.09 0.37 -2.56
N SER B 39 36.82 0.13 -2.26
CA SER B 39 35.99 -0.77 -3.04
C SER B 39 34.58 -0.75 -2.47
N HIS B 40 33.65 -0.14 -3.20
CA HIS B 40 32.28 0.02 -2.73
C HIS B 40 31.83 -1.17 -1.87
N ILE B 41 31.16 -0.86 -0.77
CA ILE B 41 30.76 -1.88 0.20
C ILE B 41 29.76 -2.86 -0.43
N THR B 42 29.78 -4.10 0.05
CA THR B 42 28.92 -5.15 -0.50
C THR B 42 27.95 -5.68 0.56
N PRO B 43 26.93 -6.43 0.13
CA PRO B 43 25.98 -7.06 1.04
C PRO B 43 26.66 -7.97 2.04
N GLN B 44 27.65 -8.74 1.58
CA GLN B 44 28.44 -9.58 2.46
C GLN B 44 29.00 -8.75 3.62
N ASP B 45 29.61 -7.61 3.28
CA ASP B 45 30.15 -6.71 4.26
C ASP B 45 29.07 -6.29 5.25
N LEU B 46 27.95 -5.80 4.72
CA LEU B 46 26.86 -5.30 5.56
C LEU B 46 26.41 -6.34 6.57
N SER B 47 26.35 -7.60 6.14
CA SER B 47 25.84 -8.68 6.98
C SER B 47 26.82 -9.05 8.09
N MET B 48 28.10 -9.14 7.75
CA MET B 48 29.13 -9.43 8.74
C MET B 48 29.25 -8.28 9.74
N ALA B 49 28.93 -7.08 9.28
CA ALA B 49 29.01 -5.89 10.14
C ALA B 49 27.90 -5.93 11.17
N MET B 50 26.66 -6.08 10.71
CA MET B 50 25.52 -6.18 11.60
C MET B 50 25.77 -7.31 12.58
N GLN B 51 26.36 -8.38 12.09
CA GLN B 51 26.67 -9.54 12.91
C GLN B 51 27.65 -9.16 14.01
N LYS B 52 28.65 -8.35 13.67
CA LYS B 52 29.62 -7.91 14.66
C LYS B 52 28.97 -6.96 15.67
N ILE B 53 27.94 -6.24 15.25
CA ILE B 53 27.22 -5.35 16.15
C ILE B 53 26.51 -6.17 17.23
N TYR B 54 25.67 -7.09 16.81
CA TYR B 54 24.94 -7.94 17.74
C TYR B 54 25.88 -8.68 18.69
N GLN B 55 26.96 -9.22 18.14
CA GLN B 55 27.92 -9.99 18.93
C GLN B 55 28.56 -9.13 20.02
N THR B 56 29.09 -7.98 19.62
CA THR B 56 29.80 -7.11 20.54
C THR B 56 28.84 -6.56 21.59
N PHE B 57 27.56 -6.43 21.25
CA PHE B 57 26.59 -6.00 22.24
C PHE B 57 26.29 -7.10 23.24
N VAL B 58 26.24 -8.35 22.78
CA VAL B 58 26.02 -9.47 23.68
C VAL B 58 27.15 -9.52 24.71
N ALA B 59 28.38 -9.29 24.26
CA ALA B 59 29.52 -9.21 25.17
C ALA B 59 29.31 -8.07 26.18
N LEU B 60 29.04 -6.88 25.67
CA LEU B 60 28.81 -5.73 26.53
C LEU B 60 27.74 -6.01 27.58
N ALA B 61 26.71 -6.76 27.17
CA ALA B 61 25.56 -6.99 28.04
C ALA B 61 25.95 -7.94 29.15
N ALA B 62 26.78 -8.92 28.83
CA ALA B 62 27.33 -9.80 29.85
C ALA B 62 28.09 -8.98 30.89
N GLN B 63 28.94 -8.07 30.43
CA GLN B 63 29.69 -7.19 31.33
C GLN B 63 28.76 -6.40 32.24
N LEU B 64 27.71 -5.82 31.65
CA LEU B 64 26.78 -4.97 32.38
C LEU B 64 25.97 -5.79 33.37
N GLN B 65 25.74 -7.05 33.03
CA GLN B 65 24.97 -7.94 33.89
C GLN B 65 25.78 -8.26 35.14
N SER B 66 27.07 -8.51 34.96
CA SER B 66 27.96 -8.75 36.07
C SER B 66 27.95 -7.55 37.02
N ILE B 67 28.15 -6.37 36.46
CA ILE B 67 28.10 -5.14 37.24
C ILE B 67 26.78 -5.02 37.99
N HIS B 68 25.69 -5.39 37.33
CA HIS B 68 24.36 -5.31 37.91
C HIS B 68 24.24 -6.22 39.13
N GLU B 69 24.83 -7.40 39.02
CA GLU B 69 24.79 -8.37 40.11
C GLU B 69 25.51 -7.79 41.32
N ASN B 70 26.69 -7.24 41.10
CA ASN B 70 27.46 -6.63 42.18
C ASN B 70 26.70 -5.54 42.92
N VAL B 71 26.12 -4.60 42.16
CA VAL B 71 25.36 -3.52 42.78
C VAL B 71 24.13 -4.07 43.52
N LYS B 72 23.55 -5.14 42.99
CA LYS B 72 22.38 -5.74 43.62
C LYS B 72 22.75 -6.33 44.99
N VAL B 73 23.94 -6.90 45.08
CA VAL B 73 24.45 -7.37 46.36
C VAL B 73 24.57 -6.20 47.32
N LEU B 74 25.22 -5.14 46.87
CA LEU B 74 25.37 -3.93 47.67
C LEU B 74 24.02 -3.44 48.19
N LYS B 75 23.00 -3.54 47.35
CA LYS B 75 21.66 -3.08 47.69
C LYS B 75 21.05 -3.97 48.77
N GLU B 76 21.29 -5.27 48.66
CA GLU B 76 20.78 -6.24 49.63
C GLU B 76 21.47 -6.10 50.98
N GLN B 77 22.72 -5.65 50.97
CA GLN B 77 23.47 -5.44 52.21
C GLN B 77 22.87 -4.24 52.93
N TYR B 78 22.85 -3.10 52.24
CA TYR B 78 22.21 -1.90 52.77
C TYR B 78 20.80 -2.22 53.26
N LEU B 79 20.12 -3.08 52.53
CA LEU B 79 18.76 -3.47 52.88
C LEU B 79 18.75 -4.09 54.28
N GLY B 80 19.54 -5.14 54.46
CA GLY B 80 19.62 -5.82 55.74
C GLY B 80 19.84 -4.85 56.88
N TYR B 81 20.80 -3.93 56.69
CA TYR B 81 21.05 -2.89 57.67
C TYR B 81 19.77 -2.12 57.98
N ARG B 82 19.01 -1.79 56.95
CA ARG B 82 17.77 -1.03 57.10
C ARG B 82 16.64 -1.85 57.72
N LYS B 83 16.72 -3.18 57.59
CA LYS B 83 15.70 -4.05 58.15
C LYS B 83 15.91 -4.18 59.65
N MET B 84 17.17 -4.19 60.06
CA MET B 84 17.51 -4.18 61.48
C MET B 84 17.10 -2.86 62.13
N PHE B 85 17.59 -1.76 61.58
CA PHE B 85 17.27 -0.43 62.09
C PHE B 85 15.77 -0.16 62.10
N LEU B 86 15.08 -0.66 61.07
CA LEU B 86 13.66 -0.35 60.87
C LEU B 86 13.45 1.15 60.68
N ALA C 2 44.43 7.21 -13.47
CA ALA C 2 45.52 7.20 -12.49
C ALA C 2 45.39 8.36 -11.51
N PRO C 3 45.08 9.56 -12.01
CA PRO C 3 44.90 10.73 -11.13
C PRO C 3 43.87 10.46 -10.04
N ALA C 4 42.75 9.84 -10.42
CA ALA C 4 41.69 9.53 -9.48
C ALA C 4 42.18 8.55 -8.41
N ASP C 5 43.02 7.61 -8.81
CA ASP C 5 43.56 6.62 -7.89
C ASP C 5 44.50 7.28 -6.87
N TYR C 6 45.45 8.07 -7.37
CA TYR C 6 46.37 8.78 -6.50
C TYR C 6 45.60 9.56 -5.43
N PHE C 7 44.66 10.37 -5.89
CA PHE C 7 43.87 11.20 -4.97
C PHE C 7 43.04 10.35 -4.02
N ARG C 8 42.57 9.21 -4.50
CA ARG C 8 41.79 8.30 -3.68
C ARG C 8 42.62 7.88 -2.47
N ILE C 9 43.88 7.54 -2.72
CA ILE C 9 44.79 7.17 -1.64
C ILE C 9 45.05 8.35 -0.71
N LEU C 10 45.21 9.54 -1.28
CA LEU C 10 45.38 10.74 -0.46
C LEU C 10 44.17 10.96 0.44
N VAL C 11 43.00 10.61 -0.07
CA VAL C 11 41.75 10.86 0.64
C VAL C 11 41.60 9.91 1.82
N GLN C 12 41.90 8.64 1.60
CA GLN C 12 41.80 7.67 2.69
C GLN C 12 42.94 7.87 3.68
N GLN C 13 44.04 8.46 3.23
CA GLN C 13 45.12 8.80 4.14
C GLN C 13 44.67 9.92 5.07
N PHE C 14 44.00 10.92 4.51
CA PHE C 14 43.46 12.00 5.31
C PHE C 14 42.48 11.49 6.36
N GLU C 15 41.48 10.75 5.91
CA GLU C 15 40.44 10.22 6.80
C GLU C 15 41.05 9.40 7.92
N VAL C 16 41.96 8.49 7.55
CA VAL C 16 42.57 7.58 8.50
C VAL C 16 43.46 8.32 9.50
N GLN C 17 44.11 9.38 9.05
CA GLN C 17 44.95 10.18 9.94
C GLN C 17 44.07 10.89 10.94
N LEU C 18 42.90 11.32 10.48
CA LEU C 18 41.94 12.01 11.31
C LEU C 18 41.34 11.05 12.33
N GLN C 19 41.21 9.79 11.92
CA GLN C 19 40.73 8.73 12.81
C GLN C 19 41.70 8.53 13.96
N GLN C 20 42.98 8.34 13.63
CA GLN C 20 44.00 8.10 14.64
C GLN C 20 44.12 9.30 15.57
N TYR C 21 43.97 10.50 15.03
CA TYR C 21 43.98 11.71 15.83
C TYR C 21 42.87 11.67 16.86
N ARG C 22 41.68 11.30 16.41
CA ARG C 22 40.54 11.14 17.31
C ARG C 22 40.84 10.15 18.41
N GLN C 23 41.46 9.02 18.06
CA GLN C 23 41.77 8.00 19.04
C GLN C 23 42.72 8.53 20.12
N GLN C 24 43.70 9.32 19.69
CA GLN C 24 44.65 9.91 20.64
C GLN C 24 43.93 10.82 21.62
N ILE C 25 43.05 11.68 21.10
CA ILE C 25 42.26 12.56 21.95
C ILE C 25 41.36 11.74 22.88
N GLU C 26 40.35 11.10 22.30
CA GLU C 26 39.48 10.16 23.03
C GLU C 26 40.22 9.45 24.16
N GLU C 27 41.44 9.00 23.88
CA GLU C 27 42.24 8.30 24.88
C GLU C 27 42.57 9.24 26.02
N LEU C 28 43.10 10.42 25.69
CA LEU C 28 43.42 11.42 26.68
C LEU C 28 42.22 11.69 27.58
N GLU C 29 41.03 11.78 27.00
CA GLU C 29 39.82 12.06 27.74
C GLU C 29 39.46 10.91 28.68
N ASN C 30 39.63 9.69 28.20
CA ASN C 30 39.34 8.50 28.99
C ASN C 30 40.28 8.40 30.19
N HIS C 31 41.50 8.91 30.01
CA HIS C 31 42.48 8.92 31.08
C HIS C 31 42.08 9.92 32.18
N LEU C 32 41.31 10.93 31.80
CA LEU C 32 40.85 11.95 32.74
C LEU C 32 39.49 11.57 33.35
N ALA C 33 38.71 10.82 32.60
CA ALA C 33 37.38 10.40 33.07
C ALA C 33 37.50 9.33 34.14
N THR C 34 38.73 8.92 34.46
CA THR C 34 38.98 7.91 35.47
C THR C 34 39.90 8.43 36.58
N GLN C 35 41.01 9.03 36.18
CA GLN C 35 42.02 9.49 37.14
C GLN C 35 41.60 10.75 37.89
N ALA C 36 40.46 11.32 37.50
CA ALA C 36 39.96 12.55 38.14
C ALA C 36 38.59 12.36 38.79
N ASN C 37 37.92 11.25 38.47
CA ASN C 37 36.60 10.99 39.04
C ASN C 37 36.67 10.07 40.25
N ASN C 38 37.78 9.36 40.39
CA ASN C 38 37.99 8.50 41.55
C ASN C 38 38.95 9.15 42.54
N SER C 39 39.83 10.01 42.03
CA SER C 39 40.78 10.73 42.84
C SER C 39 40.85 12.19 42.39
N HIS C 40 41.81 12.94 42.92
CA HIS C 40 42.02 14.31 42.47
C HIS C 40 43.15 14.35 41.46
N ILE C 41 43.43 15.53 40.91
CA ILE C 41 44.43 15.67 39.87
C ILE C 41 45.16 17.01 39.97
N THR C 42 46.47 16.94 40.19
CA THR C 42 47.29 18.15 40.29
C THR C 42 47.20 18.95 39.00
N PRO C 43 47.18 20.28 39.11
CA PRO C 43 47.07 21.15 37.93
C PRO C 43 48.12 20.84 36.86
N GLN C 44 49.30 20.41 37.27
CA GLN C 44 50.37 20.14 36.32
C GLN C 44 50.04 18.95 35.43
N ASP C 45 49.08 18.13 35.88
CA ASP C 45 48.57 17.05 35.05
C ASP C 45 47.61 17.62 34.02
N LEU C 46 46.90 18.68 34.40
CA LEU C 46 46.07 19.42 33.45
C LEU C 46 46.98 20.04 32.41
N SER C 47 48.14 20.47 32.85
CA SER C 47 49.14 21.07 31.98
C SER C 47 49.74 20.02 31.03
N MET C 48 49.95 18.81 31.55
CA MET C 48 50.50 17.73 30.74
C MET C 48 49.50 17.32 29.66
N ALA C 49 48.22 17.30 30.02
CA ALA C 49 47.18 16.96 29.06
C ALA C 49 47.13 18.00 27.95
N MET C 50 47.11 19.27 28.35
CA MET C 50 47.12 20.38 27.40
C MET C 50 48.31 20.25 26.46
N GLN C 51 49.45 19.86 27.03
CA GLN C 51 50.68 19.76 26.26
C GLN C 51 50.58 18.61 25.25
N LYS C 52 49.91 17.53 25.64
CA LYS C 52 49.72 16.41 24.75
C LYS C 52 48.75 16.78 23.62
N ILE C 53 47.81 17.68 23.91
CA ILE C 53 46.91 18.18 22.88
C ILE C 53 47.69 18.94 21.81
N TYR C 54 48.50 19.90 22.25
CA TYR C 54 49.30 20.69 21.32
C TYR C 54 50.25 19.83 20.48
N GLN C 55 50.95 18.91 21.13
CA GLN C 55 51.91 18.05 20.43
C GLN C 55 51.20 17.16 19.41
N THR C 56 50.08 16.58 19.84
CA THR C 56 49.32 15.68 18.99
C THR C 56 48.83 16.43 17.76
N PHE C 57 48.46 17.70 17.95
CA PHE C 57 47.98 18.50 16.84
C PHE C 57 49.11 18.83 15.87
N VAL C 58 50.29 19.15 16.39
CA VAL C 58 51.42 19.48 15.54
C VAL C 58 51.75 18.28 14.64
N ALA C 59 51.67 17.08 15.21
CA ALA C 59 51.85 15.86 14.42
C ALA C 59 50.79 15.78 13.31
N LEU C 60 49.53 15.92 13.69
CA LEU C 60 48.44 15.89 12.72
C LEU C 60 48.66 16.91 11.62
N ALA C 61 49.20 18.07 11.97
CA ALA C 61 49.33 19.18 11.03
C ALA C 61 50.44 18.88 10.04
N ALA C 62 51.49 18.22 10.52
CA ALA C 62 52.55 17.74 9.64
C ALA C 62 51.97 16.77 8.61
N GLN C 63 51.13 15.85 9.07
CA GLN C 63 50.46 14.93 8.15
C GLN C 63 49.62 15.66 7.10
N LEU C 64 48.87 16.67 7.56
CA LEU C 64 47.97 17.41 6.69
C LEU C 64 48.74 18.21 5.64
N GLN C 65 49.88 18.75 6.03
CA GLN C 65 50.69 19.54 5.11
C GLN C 65 51.31 18.61 4.09
N SER C 66 51.67 17.41 4.52
CA SER C 66 52.21 16.40 3.63
C SER C 66 51.22 16.10 2.52
N ILE C 67 49.98 15.79 2.87
CA ILE C 67 48.98 15.50 1.85
C ILE C 67 48.63 16.74 1.03
N HIS C 68 48.73 17.91 1.66
CA HIS C 68 48.45 19.17 0.99
C HIS C 68 49.43 19.42 -0.15
N GLU C 69 50.69 19.03 0.06
CA GLU C 69 51.70 19.17 -0.98
C GLU C 69 51.37 18.29 -2.19
N ASN C 70 50.86 17.10 -1.90
CA ASN C 70 50.52 16.16 -2.97
C ASN C 70 49.34 16.63 -3.81
N VAL C 71 48.33 17.20 -3.16
CA VAL C 71 47.22 17.77 -3.91
C VAL C 71 47.66 19.02 -4.68
N LYS C 72 48.61 19.76 -4.12
CA LYS C 72 49.13 20.97 -4.78
C LYS C 72 49.84 20.60 -6.08
N VAL C 73 50.63 19.53 -6.05
CA VAL C 73 51.29 19.03 -7.24
C VAL C 73 50.25 18.59 -8.26
N LEU C 74 49.30 17.78 -7.81
CA LEU C 74 48.21 17.33 -8.68
C LEU C 74 47.51 18.49 -9.34
N LYS C 75 47.42 19.61 -8.63
CA LYS C 75 46.78 20.81 -9.16
C LYS C 75 47.68 21.47 -10.20
N GLU C 76 48.99 21.45 -9.94
CA GLU C 76 49.96 22.02 -10.87
C GLU C 76 49.92 21.29 -12.21
N GLN C 77 49.75 19.98 -12.16
CA GLN C 77 49.68 19.17 -13.38
C GLN C 77 48.38 19.47 -14.12
N TYR C 78 47.28 19.35 -13.40
CA TYR C 78 45.97 19.75 -13.91
C TYR C 78 46.07 21.09 -14.61
N LEU C 79 46.85 21.99 -14.03
CA LEU C 79 46.97 23.35 -14.53
C LEU C 79 47.75 23.37 -15.84
N GLY C 80 48.84 22.60 -15.89
CA GLY C 80 49.66 22.51 -17.07
C GLY C 80 48.86 22.08 -18.27
N TYR C 81 48.06 21.02 -18.09
CA TYR C 81 47.20 20.53 -19.15
C TYR C 81 46.22 21.61 -19.61
N ARG C 82 45.50 22.20 -18.64
CA ARG C 82 44.50 23.21 -18.96
C ARG C 82 45.11 24.42 -19.67
N LYS C 83 46.38 24.71 -19.37
CA LYS C 83 47.05 25.88 -19.94
C LYS C 83 47.44 25.65 -21.39
N MET C 84 48.04 24.49 -21.65
CA MET C 84 48.39 24.11 -23.02
C MET C 84 47.15 24.11 -23.90
N PHE C 85 46.07 23.54 -23.37
CA PHE C 85 44.81 23.44 -24.10
C PHE C 85 44.23 24.81 -24.46
N LEU C 86 44.66 25.84 -23.74
CA LEU C 86 44.15 27.19 -23.96
C LEU C 86 45.28 28.19 -24.15
N ALA D 2 36.55 27.09 47.99
CA ALA D 2 37.92 26.58 48.06
C ALA D 2 38.59 26.68 46.69
N PRO D 3 39.94 26.65 46.67
CA PRO D 3 40.66 26.60 45.40
C PRO D 3 40.39 25.28 44.66
N ALA D 4 39.94 24.27 45.39
CA ALA D 4 39.63 22.98 44.79
C ALA D 4 38.34 23.05 43.98
N ASP D 5 37.40 23.87 44.44
CA ASP D 5 36.14 24.06 43.73
C ASP D 5 36.40 24.78 42.40
N TYR D 6 37.18 25.85 42.46
CA TYR D 6 37.50 26.62 41.28
C TYR D 6 38.22 25.76 40.26
N PHE D 7 39.27 25.07 40.71
CA PHE D 7 40.03 24.20 39.83
C PHE D 7 39.17 23.04 39.31
N ARG D 8 38.20 22.62 40.11
CA ARG D 8 37.29 21.56 39.72
C ARG D 8 36.47 22.04 38.52
N ILE D 9 36.04 23.30 38.57
CA ILE D 9 35.32 23.90 37.46
C ILE D 9 36.22 24.03 36.23
N LEU D 10 37.48 24.37 36.45
CA LEU D 10 38.44 24.48 35.34
C LEU D 10 38.61 23.13 34.64
N VAL D 11 38.60 22.06 35.43
CA VAL D 11 38.74 20.71 34.89
C VAL D 11 37.50 20.34 34.09
N GLN D 12 36.34 20.67 34.63
CA GLN D 12 35.08 20.39 33.94
C GLN D 12 35.06 21.12 32.59
N GLN D 13 35.60 22.33 32.57
CA GLN D 13 35.67 23.12 31.34
C GLN D 13 36.56 22.45 30.31
N PHE D 14 37.76 22.06 30.74
CA PHE D 14 38.70 21.40 29.85
C PHE D 14 38.06 20.19 29.18
N GLU D 15 37.61 19.25 30.01
CA GLU D 15 36.99 18.02 29.53
C GLU D 15 35.87 18.32 28.52
N VAL D 16 34.96 19.22 28.89
CA VAL D 16 33.81 19.52 28.05
C VAL D 16 34.21 20.15 26.72
N GLN D 17 35.29 20.94 26.73
CA GLN D 17 35.78 21.58 25.52
C GLN D 17 36.45 20.54 24.64
N LEU D 18 37.02 19.52 25.27
CA LEU D 18 37.69 18.45 24.55
C LEU D 18 36.66 17.51 23.91
N GLN D 19 35.51 17.35 24.57
CA GLN D 19 34.42 16.56 24.03
C GLN D 19 33.82 17.28 22.82
N GLN D 20 33.58 18.58 22.99
CA GLN D 20 33.05 19.42 21.92
C GLN D 20 33.94 19.32 20.69
N TYR D 21 35.23 19.47 20.92
CA TYR D 21 36.25 19.39 19.87
C TYR D 21 36.12 18.07 19.13
N ARG D 22 36.09 16.97 19.88
CA ARG D 22 35.94 15.65 19.30
C ARG D 22 34.66 15.55 18.47
N GLN D 23 33.60 16.22 18.91
CA GLN D 23 32.33 16.16 18.21
C GLN D 23 32.39 16.89 16.88
N GLN D 24 33.11 18.01 16.83
CA GLN D 24 33.27 18.76 15.59
C GLN D 24 34.10 17.95 14.58
N ILE D 25 35.15 17.30 15.07
CA ILE D 25 36.00 16.47 14.21
C ILE D 25 35.27 15.22 13.73
N GLU D 26 34.41 14.67 14.59
CA GLU D 26 33.66 13.47 14.26
C GLU D 26 32.62 13.80 13.19
N GLU D 27 31.99 14.95 13.33
CA GLU D 27 30.99 15.42 12.38
C GLU D 27 31.63 15.57 11.02
N LEU D 28 32.76 16.27 10.98
CA LEU D 28 33.52 16.46 9.75
C LEU D 28 33.98 15.10 9.21
N GLU D 29 34.29 14.18 10.11
CA GLU D 29 34.81 12.87 9.73
C GLU D 29 33.69 12.00 9.14
N ASN D 30 32.45 12.25 9.55
CA ASN D 30 31.31 11.54 9.00
C ASN D 30 30.83 12.19 7.71
N HIS D 31 31.07 13.49 7.59
CA HIS D 31 30.69 14.23 6.40
C HIS D 31 31.42 13.68 5.18
N LEU D 32 32.67 13.29 5.36
CA LEU D 32 33.45 12.71 4.28
C LEU D 32 32.96 11.31 3.93
N ALA D 33 32.53 10.57 4.95
CA ALA D 33 31.96 9.24 4.75
C ALA D 33 30.67 9.35 3.96
N THR D 34 29.95 10.45 4.16
CA THR D 34 28.70 10.71 3.44
C THR D 34 28.97 11.02 1.97
N GLN D 35 29.80 12.01 1.71
CA GLN D 35 30.11 12.41 0.35
C GLN D 35 31.13 11.49 -0.32
N ALA D 36 31.30 10.29 0.22
CA ALA D 36 32.11 9.26 -0.41
C ALA D 36 31.22 8.22 -1.08
N ASN D 37 30.10 7.92 -0.41
CA ASN D 37 29.13 6.97 -0.95
C ASN D 37 28.16 7.62 -1.93
N ASN D 38 28.01 8.94 -1.83
CA ASN D 38 27.18 9.70 -2.75
C ASN D 38 27.89 9.82 -4.10
N SER D 39 28.86 10.73 -4.17
CA SER D 39 29.69 10.87 -5.36
C SER D 39 31.09 10.39 -5.01
N HIS D 40 32.10 11.18 -5.35
CA HIS D 40 33.46 10.89 -4.92
C HIS D 40 34.06 12.15 -4.28
N ILE D 41 34.75 11.96 -3.17
CA ILE D 41 35.38 13.09 -2.47
C ILE D 41 36.32 13.81 -3.44
N THR D 42 36.27 15.13 -3.42
CA THR D 42 37.02 15.95 -4.36
C THR D 42 38.11 16.76 -3.66
N PRO D 43 39.08 17.27 -4.43
CA PRO D 43 40.12 18.15 -3.90
C PRO D 43 39.53 19.37 -3.18
N GLN D 44 38.38 19.84 -3.67
CA GLN D 44 37.66 20.93 -3.01
C GLN D 44 37.28 20.52 -1.60
N ASP D 45 36.71 19.32 -1.48
CA ASP D 45 36.31 18.79 -0.18
C ASP D 45 37.51 18.71 0.77
N LEU D 46 38.58 18.07 0.31
CA LEU D 46 39.77 17.88 1.12
C LEU D 46 40.31 19.22 1.63
N SER D 47 40.30 20.22 0.75
CA SER D 47 40.80 21.55 1.09
C SER D 47 39.98 22.19 2.22
N MET D 48 38.67 22.27 2.03
CA MET D 48 37.77 22.87 3.02
C MET D 48 37.81 22.12 4.35
N ALA D 49 38.07 20.81 4.27
CA ALA D 49 38.10 19.96 5.45
C ALA D 49 39.31 20.31 6.29
N MET D 50 40.47 20.41 5.64
CA MET D 50 41.70 20.78 6.32
C MET D 50 41.52 22.14 6.96
N GLN D 51 40.92 23.06 6.21
CA GLN D 51 40.66 24.41 6.70
C GLN D 51 39.78 24.35 7.95
N LYS D 52 38.86 23.39 7.97
CA LYS D 52 37.99 23.21 9.13
C LYS D 52 38.76 22.70 10.33
N ILE D 53 39.74 21.83 10.07
CA ILE D 53 40.58 21.29 11.13
C ILE D 53 41.40 22.40 11.79
N TYR D 54 42.10 23.20 10.98
CA TYR D 54 42.93 24.28 11.51
C TYR D 54 42.08 25.30 12.28
N GLN D 55 40.93 25.64 11.70
CA GLN D 55 40.05 26.64 12.29
C GLN D 55 39.49 26.17 13.63
N THR D 56 39.15 24.89 13.70
CA THR D 56 38.50 24.35 14.89
C THR D 56 39.54 24.17 15.98
N PHE D 57 40.78 23.87 15.58
CA PHE D 57 41.86 23.74 16.55
C PHE D 57 42.28 25.09 17.12
N VAL D 58 42.24 26.14 16.31
CA VAL D 58 42.59 27.47 16.80
C VAL D 58 41.59 27.90 17.88
N ALA D 59 40.32 27.52 17.70
CA ALA D 59 39.28 27.81 18.68
C ALA D 59 39.55 27.00 19.95
N LEU D 60 39.81 25.71 19.79
CA LEU D 60 40.16 24.87 20.92
C LEU D 60 41.33 25.46 21.71
N ALA D 61 42.32 26.00 20.99
CA ALA D 61 43.57 26.46 21.61
C ALA D 61 43.31 27.73 22.41
N ALA D 62 42.43 28.57 21.86
CA ALA D 62 41.97 29.74 22.58
C ALA D 62 41.32 29.33 23.91
N GLN D 63 40.40 28.37 23.85
CA GLN D 63 39.76 27.88 25.08
C GLN D 63 40.81 27.41 26.08
N LEU D 64 41.80 26.66 25.60
CA LEU D 64 42.83 26.08 26.44
C LEU D 64 43.73 27.15 27.04
N GLN D 65 43.88 28.26 26.31
CA GLN D 65 44.72 29.35 26.77
C GLN D 65 44.03 30.02 27.93
N SER D 66 42.73 30.23 27.79
CA SER D 66 41.91 30.81 28.84
C SER D 66 42.03 29.97 30.11
N ILE D 67 41.91 28.66 29.98
CA ILE D 67 42.08 27.77 31.12
C ILE D 67 43.48 27.90 31.73
N HIS D 68 44.49 28.00 30.88
CA HIS D 68 45.88 28.01 31.31
C HIS D 68 46.16 29.25 32.16
N GLU D 69 45.56 30.37 31.79
CA GLU D 69 45.72 31.60 32.54
C GLU D 69 45.12 31.49 33.93
N ASN D 70 44.00 30.79 34.04
CA ASN D 70 43.34 30.61 35.33
C ASN D 70 44.17 29.75 36.27
N VAL D 71 44.69 28.63 35.78
CA VAL D 71 45.55 27.81 36.61
C VAL D 71 46.83 28.58 36.96
N LYS D 72 47.29 29.40 36.03
CA LYS D 72 48.48 30.22 36.26
C LYS D 72 48.28 31.16 37.45
N VAL D 73 47.11 31.80 37.50
CA VAL D 73 46.77 32.66 38.63
C VAL D 73 46.75 31.87 39.92
N LEU D 74 46.10 30.72 39.90
CA LEU D 74 46.06 29.84 41.07
C LEU D 74 47.47 29.55 41.57
N LYS D 75 48.39 29.32 40.65
CA LYS D 75 49.78 29.00 41.00
C LYS D 75 50.48 30.20 41.64
N GLU D 76 50.24 31.39 41.10
CA GLU D 76 50.82 32.60 41.66
C GLU D 76 50.32 32.86 43.08
N GLN D 77 49.06 32.50 43.32
CA GLN D 77 48.45 32.68 44.64
C GLN D 77 49.15 31.77 45.64
N TYR D 78 49.14 30.47 45.36
CA TYR D 78 49.84 29.52 46.21
C TYR D 78 51.27 30.01 46.43
N LEU D 79 51.84 30.62 45.40
CA LEU D 79 53.22 31.10 45.48
C LEU D 79 53.34 32.20 46.53
N GLY D 80 52.39 33.12 46.50
CA GLY D 80 52.38 34.23 47.45
C GLY D 80 52.36 33.68 48.86
N TYR D 81 51.54 32.65 49.08
CA TYR D 81 51.53 31.96 50.36
C TYR D 81 52.87 31.32 50.72
N ARG D 82 53.52 30.71 49.72
CA ARG D 82 54.77 30.00 49.93
C ARG D 82 55.89 30.95 50.35
N LYS D 83 55.87 32.14 49.78
CA LYS D 83 56.93 33.13 49.99
C LYS D 83 56.79 33.74 51.38
N MET D 84 55.56 33.77 51.88
CA MET D 84 55.29 34.26 53.22
C MET D 84 55.80 33.25 54.24
N PHE D 85 55.38 32.00 54.09
CA PHE D 85 55.86 30.93 54.95
C PHE D 85 57.38 30.76 54.83
N LEU D 86 57.92 31.13 53.68
CA LEU D 86 59.33 30.93 53.38
C LEU D 86 59.70 29.46 53.44
N SER E 1 23.39 21.66 8.84
CA SER E 1 24.44 20.83 8.26
C SER E 1 24.40 19.42 8.84
N ALA E 2 24.71 19.32 10.13
CA ALA E 2 24.70 18.02 10.81
C ALA E 2 23.30 17.39 10.78
N PRO E 3 22.28 18.17 11.19
CA PRO E 3 20.91 17.62 11.21
C PRO E 3 20.31 17.52 9.81
N ALA E 4 20.55 18.53 8.98
CA ALA E 4 19.97 18.58 7.64
C ALA E 4 20.44 17.41 6.78
N ASP E 5 21.66 16.95 7.01
CA ASP E 5 22.21 15.83 6.24
C ASP E 5 21.57 14.51 6.65
N TYR E 6 21.59 14.23 7.96
CA TYR E 6 20.97 13.02 8.49
C TYR E 6 19.53 12.92 7.98
N PHE E 7 18.82 14.04 8.01
CA PHE E 7 17.44 14.07 7.55
C PHE E 7 17.39 13.72 6.06
N ARG E 8 17.91 14.60 5.22
CA ARG E 8 17.91 14.38 3.77
C ARG E 8 18.11 12.89 3.47
N ILE E 9 18.96 12.24 4.26
CA ILE E 9 19.13 10.80 4.14
C ILE E 9 17.84 10.08 4.50
N LEU E 10 17.25 10.44 5.63
CA LEU E 10 15.96 9.86 6.03
C LEU E 10 14.92 9.98 4.92
N VAL E 11 14.79 11.19 4.37
CA VAL E 11 13.89 11.43 3.25
C VAL E 11 14.19 10.51 2.08
N GLN E 12 15.48 10.31 1.80
CA GLN E 12 15.89 9.42 0.72
C GLN E 12 15.42 7.99 1.00
N GLN E 13 15.47 7.59 2.26
CA GLN E 13 15.05 6.24 2.66
C GLN E 13 13.57 6.09 2.41
N PHE E 14 12.80 7.11 2.79
CA PHE E 14 11.35 7.08 2.65
C PHE E 14 10.95 6.94 1.18
N GLU E 15 11.52 7.79 0.33
CA GLU E 15 11.21 7.78 -1.09
C GLU E 15 11.50 6.44 -1.72
N VAL E 16 12.72 5.94 -1.52
CA VAL E 16 13.13 4.67 -2.11
C VAL E 16 12.28 3.51 -1.60
N GLN E 17 11.87 3.60 -0.34
CA GLN E 17 11.05 2.56 0.27
C GLN E 17 9.68 2.58 -0.39
N LEU E 18 9.22 3.78 -0.72
CA LEU E 18 7.92 3.96 -1.35
C LEU E 18 7.96 3.49 -2.79
N GLN E 19 9.11 3.64 -3.44
CA GLN E 19 9.30 3.18 -4.80
C GLN E 19 9.25 1.66 -4.87
N GLN E 20 10.00 1.01 -3.99
CA GLN E 20 10.07 -0.45 -3.99
C GLN E 20 8.73 -1.07 -3.61
N TYR E 21 8.04 -0.43 -2.67
CA TYR E 21 6.69 -0.86 -2.31
C TYR E 21 5.78 -0.80 -3.53
N ARG E 22 5.79 0.33 -4.20
CA ARG E 22 4.99 0.52 -5.41
C ARG E 22 5.38 -0.49 -6.48
N GLN E 23 6.65 -0.89 -6.48
CA GLN E 23 7.14 -1.87 -7.45
C GLN E 23 6.55 -3.26 -7.16
N GLN E 24 6.46 -3.61 -5.88
CA GLN E 24 5.89 -4.88 -5.47
C GLN E 24 4.42 -4.95 -5.86
N ILE E 25 3.69 -3.88 -5.58
CA ILE E 25 2.27 -3.81 -5.94
C ILE E 25 2.09 -3.93 -7.45
N GLU E 26 2.93 -3.23 -8.20
CA GLU E 26 2.86 -3.26 -9.66
C GLU E 26 3.15 -4.65 -10.18
N GLU E 27 4.04 -5.36 -9.52
CA GLU E 27 4.39 -6.72 -9.91
C GLU E 27 3.16 -7.62 -9.73
N LEU E 28 2.49 -7.45 -8.60
CA LEU E 28 1.28 -8.22 -8.31
C LEU E 28 0.23 -7.99 -9.41
N GLU E 29 -0.01 -6.73 -9.75
CA GLU E 29 -0.97 -6.38 -10.79
C GLU E 29 -0.62 -7.06 -12.11
N ASN E 30 0.66 -7.01 -12.47
CA ASN E 30 1.13 -7.59 -13.72
C ASN E 30 0.98 -9.10 -13.72
N HIS E 31 1.09 -9.71 -12.54
CA HIS E 31 0.92 -11.14 -12.40
C HIS E 31 -0.54 -11.51 -12.65
N LEU E 32 -1.46 -10.70 -12.13
CA LEU E 32 -2.88 -10.90 -12.38
C LEU E 32 -3.25 -10.51 -13.81
N ALA E 33 -2.45 -9.63 -14.40
CA ALA E 33 -2.64 -9.25 -15.80
C ALA E 33 -2.09 -10.34 -16.71
N THR E 34 -1.47 -11.36 -16.12
CA THR E 34 -0.98 -12.50 -16.88
C THR E 34 -1.99 -13.64 -16.85
N GLN E 35 -2.14 -14.26 -15.68
CA GLN E 35 -3.05 -15.39 -15.53
C GLN E 35 -4.47 -15.02 -15.97
N ALA E 36 -5.09 -14.08 -15.27
CA ALA E 36 -6.46 -13.69 -15.56
C ALA E 36 -6.69 -13.46 -17.06
N ASN E 37 -5.80 -12.71 -17.68
CA ASN E 37 -5.92 -12.39 -19.11
C ASN E 37 -5.75 -13.64 -19.98
N ASN E 38 -4.94 -14.58 -19.50
CA ASN E 38 -4.73 -15.84 -20.20
C ASN E 38 -5.72 -16.91 -19.73
N SER E 39 -5.58 -17.31 -18.47
CA SER E 39 -6.49 -18.29 -17.87
C SER E 39 -7.29 -17.63 -16.75
N HIS E 40 -8.62 -17.69 -16.87
CA HIS E 40 -9.51 -17.05 -15.90
C HIS E 40 -9.01 -17.23 -14.46
N ILE E 41 -8.65 -16.11 -13.83
CA ILE E 41 -8.12 -16.12 -12.47
C ILE E 41 -9.01 -16.91 -11.50
N THR E 42 -8.39 -17.48 -10.48
CA THR E 42 -9.07 -18.34 -9.52
C THR E 42 -9.27 -17.61 -8.19
N PRO E 43 -10.33 -17.97 -7.45
CA PRO E 43 -10.49 -17.42 -6.09
C PRO E 43 -9.23 -17.54 -5.26
N GLN E 44 -8.60 -18.71 -5.29
CA GLN E 44 -7.34 -18.95 -4.58
C GLN E 44 -6.33 -17.86 -4.92
N ASP E 45 -6.23 -17.52 -6.20
CA ASP E 45 -5.30 -16.48 -6.66
C ASP E 45 -5.62 -15.16 -5.97
N LEU E 46 -6.90 -14.81 -5.94
CA LEU E 46 -7.34 -13.56 -5.32
C LEU E 46 -6.95 -13.53 -3.85
N SER E 47 -7.11 -14.66 -3.17
CA SER E 47 -6.83 -14.75 -1.75
C SER E 47 -5.34 -14.54 -1.46
N MET E 48 -4.50 -15.19 -2.26
CA MET E 48 -3.05 -15.08 -2.08
C MET E 48 -2.57 -13.68 -2.42
N ALA E 49 -3.23 -13.03 -3.37
CA ALA E 49 -2.89 -11.67 -3.75
C ALA E 49 -3.13 -10.72 -2.58
N MET E 50 -4.34 -10.80 -2.02
CA MET E 50 -4.69 -9.98 -0.86
C MET E 50 -3.68 -10.24 0.26
N GLN E 51 -3.33 -11.52 0.42
CA GLN E 51 -2.36 -11.91 1.44
C GLN E 51 -1.03 -11.20 1.22
N LYS E 52 -0.61 -11.12 -0.03
CA LYS E 52 0.66 -10.48 -0.35
C LYS E 52 0.58 -8.97 -0.13
N ILE E 53 -0.60 -8.40 -0.31
CA ILE E 53 -0.79 -6.97 -0.08
C ILE E 53 -0.62 -6.64 1.41
N TYR E 54 -1.33 -7.37 2.27
CA TYR E 54 -1.22 -7.16 3.71
C TYR E 54 0.21 -7.36 4.20
N GLN E 55 0.85 -8.44 3.76
CA GLN E 55 2.22 -8.73 4.14
C GLN E 55 3.17 -7.61 3.70
N THR E 56 2.99 -7.14 2.46
CA THR E 56 3.88 -6.17 1.87
C THR E 56 3.71 -4.82 2.57
N PHE E 57 2.50 -4.55 3.05
CA PHE E 57 2.26 -3.31 3.77
C PHE E 57 2.78 -3.38 5.19
N VAL E 58 2.79 -4.57 5.78
CA VAL E 58 3.38 -4.74 7.11
C VAL E 58 4.87 -4.46 7.05
N ALA E 59 5.52 -4.96 6.00
CA ALA E 59 6.93 -4.65 5.77
C ALA E 59 7.14 -3.15 5.62
N LEU E 60 6.41 -2.54 4.70
CA LEU E 60 6.52 -1.10 4.49
C LEU E 60 6.33 -0.33 5.79
N ALA E 61 5.39 -0.79 6.60
CA ALA E 61 5.02 -0.07 7.82
C ALA E 61 6.17 -0.13 8.80
N ALA E 62 6.83 -1.29 8.87
CA ALA E 62 8.00 -1.44 9.71
C ALA E 62 9.08 -0.45 9.28
N GLN E 63 9.28 -0.32 7.97
CA GLN E 63 10.24 0.65 7.45
C GLN E 63 9.88 2.07 7.87
N LEU E 64 8.59 2.39 7.80
CA LEU E 64 8.11 3.74 8.11
C LEU E 64 8.28 4.04 9.59
N GLN E 65 8.15 3.01 10.42
CA GLN E 65 8.30 3.16 11.86
C GLN E 65 9.76 3.46 12.17
N SER E 66 10.65 2.72 11.53
CA SER E 66 12.08 2.94 11.69
C SER E 66 12.42 4.40 11.39
N ILE E 67 11.95 4.90 10.25
CA ILE E 67 12.15 6.30 9.89
C ILE E 67 11.55 7.26 10.92
N HIS E 68 10.37 6.90 11.42
CA HIS E 68 9.64 7.75 12.35
C HIS E 68 10.40 7.91 13.66
N GLU E 69 11.09 6.85 14.07
CA GLU E 69 11.88 6.89 15.30
C GLU E 69 13.02 7.90 15.17
N ASN E 70 13.70 7.86 14.04
CA ASN E 70 14.82 8.76 13.81
C ASN E 70 14.41 10.22 13.77
N VAL E 71 13.30 10.51 13.09
CA VAL E 71 12.79 11.88 13.10
C VAL E 71 12.38 12.30 14.50
N LYS E 72 11.81 11.38 15.27
CA LYS E 72 11.41 11.66 16.65
C LYS E 72 12.63 12.08 17.48
N VAL E 73 13.74 11.38 17.30
CA VAL E 73 14.98 11.72 17.97
C VAL E 73 15.41 13.14 17.60
N LEU E 74 15.47 13.41 16.30
CA LEU E 74 15.82 14.73 15.79
C LEU E 74 14.94 15.82 16.39
N LYS E 75 13.68 15.47 16.63
CA LYS E 75 12.72 16.43 17.19
C LYS E 75 13.03 16.69 18.67
N GLU E 76 13.41 15.64 19.37
CA GLU E 76 13.75 15.76 20.80
C GLU E 76 15.01 16.58 21.04
N GLN E 77 15.97 16.44 20.14
CA GLN E 77 17.21 17.24 20.21
C GLN E 77 16.87 18.70 19.93
N TYR E 78 16.13 18.92 18.85
CA TYR E 78 15.61 20.22 18.48
C TYR E 78 14.99 20.88 19.71
N LEU E 79 14.21 20.10 20.45
CA LEU E 79 13.54 20.60 21.64
C LEU E 79 14.53 20.92 22.75
N GLY E 80 15.56 20.09 22.89
CA GLY E 80 16.58 20.31 23.90
C GLY E 80 17.17 21.69 23.76
N TYR E 81 17.67 21.99 22.57
CA TYR E 81 18.20 23.33 22.29
C TYR E 81 17.14 24.38 22.53
N ARG E 82 15.93 24.12 22.02
CA ARG E 82 14.83 25.07 22.11
C ARG E 82 14.46 25.38 23.56
N LYS E 83 14.69 24.42 24.44
CA LYS E 83 14.26 24.55 25.83
C LYS E 83 15.30 25.31 26.65
N MET E 84 16.57 24.95 26.50
CA MET E 84 17.63 25.64 27.21
C MET E 84 17.75 27.10 26.74
N PHE E 85 17.42 27.32 25.47
CA PHE E 85 17.40 28.68 24.94
C PHE E 85 16.13 29.41 25.36
N LEU E 86 15.00 29.00 24.78
CA LEU E 86 13.71 29.60 25.11
C LEU E 86 13.10 28.90 26.32
N SER F 1 -21.67 -18.66 -16.69
CA SER F 1 -22.06 -19.15 -15.38
C SER F 1 -22.27 -17.99 -14.41
N ALA F 2 -23.37 -18.01 -13.67
CA ALA F 2 -23.67 -16.98 -12.70
C ALA F 2 -22.51 -16.78 -11.72
N PRO F 3 -21.99 -17.88 -11.14
CA PRO F 3 -20.90 -17.74 -10.17
C PRO F 3 -19.62 -17.16 -10.79
N ALA F 4 -19.26 -17.64 -11.98
CA ALA F 4 -18.06 -17.16 -12.65
C ALA F 4 -18.17 -15.68 -12.99
N ASP F 5 -19.39 -15.23 -13.29
CA ASP F 5 -19.63 -13.83 -13.62
C ASP F 5 -19.44 -12.94 -12.40
N TYR F 6 -20.15 -13.26 -11.32
CA TYR F 6 -20.01 -12.51 -10.08
C TYR F 6 -18.55 -12.38 -9.71
N PHE F 7 -17.83 -13.51 -9.74
CA PHE F 7 -16.44 -13.53 -9.34
C PHE F 7 -15.56 -12.70 -10.26
N ARG F 8 -15.86 -12.72 -11.56
CA ARG F 8 -15.09 -11.93 -12.50
C ARG F 8 -15.28 -10.45 -12.21
N ILE F 9 -16.46 -10.10 -11.72
CA ILE F 9 -16.73 -8.73 -11.30
C ILE F 9 -15.97 -8.41 -10.01
N LEU F 10 -15.83 -9.40 -9.13
CA LEU F 10 -15.05 -9.22 -7.91
C LEU F 10 -13.58 -9.01 -8.23
N VAL F 11 -13.10 -9.70 -9.26
CA VAL F 11 -11.71 -9.60 -9.67
C VAL F 11 -11.48 -8.24 -10.32
N GLN F 12 -12.47 -7.80 -11.08
CA GLN F 12 -12.42 -6.49 -11.72
C GLN F 12 -12.30 -5.41 -10.65
N GLN F 13 -13.08 -5.55 -9.58
CA GLN F 13 -13.02 -4.61 -8.47
C GLN F 13 -11.64 -4.60 -7.85
N PHE F 14 -11.11 -5.78 -7.57
CA PHE F 14 -9.80 -5.90 -6.94
C PHE F 14 -8.74 -5.15 -7.74
N GLU F 15 -8.55 -5.56 -8.99
CA GLU F 15 -7.57 -4.93 -9.87
C GLU F 15 -7.71 -3.41 -9.88
N VAL F 16 -8.95 -2.94 -10.04
CA VAL F 16 -9.20 -1.51 -10.12
C VAL F 16 -8.86 -0.76 -8.83
N GLN F 17 -9.08 -1.40 -7.69
CA GLN F 17 -8.77 -0.79 -6.41
C GLN F 17 -7.28 -0.75 -6.21
N LEU F 18 -6.59 -1.74 -6.78
CA LEU F 18 -5.15 -1.82 -6.68
C LEU F 18 -4.50 -0.78 -7.59
N GLN F 19 -5.17 -0.46 -8.71
CA GLN F 19 -4.70 0.58 -9.60
C GLN F 19 -4.85 1.96 -8.96
N GLN F 20 -6.03 2.22 -8.41
CA GLN F 20 -6.32 3.50 -7.77
C GLN F 20 -5.40 3.73 -6.58
N TYR F 21 -5.13 2.65 -5.84
CA TYR F 21 -4.26 2.70 -4.67
C TYR F 21 -2.84 3.06 -5.09
N ARG F 22 -2.30 2.28 -6.04
CA ARG F 22 -0.98 2.55 -6.58
C ARG F 22 -0.90 3.99 -7.04
N GLN F 23 -2.00 4.47 -7.61
CA GLN F 23 -2.07 5.82 -8.17
C GLN F 23 -1.99 6.89 -7.07
N GLN F 24 -2.67 6.65 -5.96
CA GLN F 24 -2.61 7.57 -4.83
C GLN F 24 -1.18 7.64 -4.30
N ILE F 25 -0.52 6.50 -4.22
CA ILE F 25 0.87 6.45 -3.78
C ILE F 25 1.79 7.14 -4.77
N GLU F 26 1.46 7.05 -6.06
CA GLU F 26 2.25 7.71 -7.10
C GLU F 26 2.13 9.22 -6.98
N GLU F 27 0.94 9.68 -6.61
CA GLU F 27 0.70 11.10 -6.40
C GLU F 27 1.56 11.57 -5.25
N LEU F 28 1.53 10.83 -4.15
CA LEU F 28 2.35 11.14 -2.99
C LEU F 28 3.83 11.24 -3.38
N GLU F 29 4.28 10.29 -4.19
CA GLU F 29 5.69 10.25 -4.60
C GLU F 29 6.06 11.46 -5.45
N ASN F 30 5.15 11.86 -6.34
CA ASN F 30 5.39 12.98 -7.23
C ASN F 30 5.29 14.31 -6.50
N HIS F 31 4.54 14.31 -5.40
CA HIS F 31 4.41 15.50 -4.57
C HIS F 31 5.66 15.72 -3.73
N LEU F 32 6.52 14.70 -3.67
CA LEU F 32 7.78 14.80 -2.95
C LEU F 32 8.94 15.00 -3.92
N ALA F 33 8.80 14.44 -5.12
CA ALA F 33 9.80 14.63 -6.16
C ALA F 33 9.73 16.05 -6.70
N THR F 34 8.65 16.75 -6.34
CA THR F 34 8.44 18.12 -6.80
C THR F 34 8.77 19.14 -5.72
N GLN F 35 8.31 18.88 -4.49
CA GLN F 35 8.52 19.81 -3.39
C GLN F 35 9.95 19.78 -2.87
N ALA F 36 10.83 19.06 -3.57
CA ALA F 36 12.25 19.06 -3.27
C ALA F 36 12.93 20.14 -4.12
N ASN F 37 12.63 20.14 -5.41
CA ASN F 37 13.21 21.10 -6.34
C ASN F 37 12.56 22.47 -6.22
N ASN F 38 11.54 22.57 -5.36
CA ASN F 38 10.92 23.84 -5.04
C ASN F 38 11.57 24.45 -3.79
N SER F 39 11.79 23.62 -2.79
CA SER F 39 12.44 24.04 -1.56
C SER F 39 12.87 22.81 -0.77
N HIS F 40 13.45 23.03 0.41
CA HIS F 40 13.87 21.93 1.26
C HIS F 40 12.69 21.08 1.70
N ILE F 41 12.96 19.81 1.98
CA ILE F 41 11.93 18.89 2.46
C ILE F 41 11.89 18.95 3.98
N THR F 42 10.68 18.98 4.53
CA THR F 42 10.50 19.20 5.96
C THR F 42 10.05 17.91 6.68
N PRO F 43 10.46 17.76 7.95
CA PRO F 43 9.92 16.66 8.76
C PRO F 43 8.39 16.60 8.68
N GLN F 44 7.73 17.73 8.91
CA GLN F 44 6.29 17.85 8.70
C GLN F 44 5.85 17.14 7.43
N ASP F 45 6.60 17.32 6.35
CA ASP F 45 6.27 16.69 5.07
C ASP F 45 6.30 15.18 5.18
N LEU F 46 7.32 14.65 5.86
CA LEU F 46 7.44 13.20 6.03
C LEU F 46 6.34 12.65 6.93
N SER F 47 5.88 13.46 7.89
CA SER F 47 4.86 13.01 8.83
C SER F 47 3.49 13.00 8.17
N MET F 48 3.24 13.96 7.29
CA MET F 48 1.97 14.04 6.58
C MET F 48 1.91 12.95 5.52
N ALA F 49 3.05 12.68 4.90
CA ALA F 49 3.14 11.65 3.87
C ALA F 49 2.86 10.28 4.50
N MET F 50 3.62 9.94 5.54
CA MET F 50 3.41 8.69 6.25
C MET F 50 1.95 8.58 6.68
N GLN F 51 1.43 9.68 7.21
CA GLN F 51 0.03 9.72 7.63
C GLN F 51 -0.90 9.33 6.47
N LYS F 52 -0.60 9.84 5.28
CA LYS F 52 -1.44 9.56 4.13
C LYS F 52 -1.25 8.13 3.63
N ILE F 53 -0.09 7.54 3.93
CA ILE F 53 0.16 6.14 3.58
C ILE F 53 -0.71 5.22 4.42
N TYR F 54 -0.70 5.42 5.73
CA TYR F 54 -1.52 4.61 6.63
C TYR F 54 -3.00 4.78 6.30
N GLN F 55 -3.44 6.02 6.13
CA GLN F 55 -4.83 6.30 5.80
C GLN F 55 -5.26 5.60 4.51
N THR F 56 -4.46 5.77 3.47
CA THR F 56 -4.80 5.25 2.15
C THR F 56 -4.83 3.74 2.16
N PHE F 57 -3.97 3.11 2.97
CA PHE F 57 -3.99 1.67 3.08
C PHE F 57 -5.17 1.18 3.90
N VAL F 58 -5.62 1.98 4.86
CA VAL F 58 -6.79 1.61 5.64
C VAL F 58 -8.02 1.57 4.73
N ALA F 59 -8.11 2.54 3.83
CA ALA F 59 -9.16 2.56 2.83
C ALA F 59 -9.07 1.31 1.94
N LEU F 60 -7.88 1.05 1.42
CA LEU F 60 -7.66 -0.11 0.57
C LEU F 60 -8.05 -1.39 1.29
N ALA F 61 -7.79 -1.44 2.59
CA ALA F 61 -8.01 -2.64 3.38
C ALA F 61 -9.50 -2.88 3.53
N ALA F 62 -10.24 -1.80 3.72
CA ALA F 62 -11.71 -1.88 3.77
C ALA F 62 -12.24 -2.46 2.46
N GLN F 63 -11.74 -1.94 1.34
CA GLN F 63 -12.14 -2.47 0.04
C GLN F 63 -11.86 -3.97 -0.09
N LEU F 64 -10.67 -4.37 0.36
CA LEU F 64 -10.25 -5.77 0.26
C LEU F 64 -11.08 -6.65 1.19
N GLN F 65 -11.54 -6.07 2.29
CA GLN F 65 -12.34 -6.79 3.26
C GLN F 65 -13.70 -7.09 2.65
N SER F 66 -14.26 -6.10 1.97
CA SER F 66 -15.53 -6.26 1.28
C SER F 66 -15.43 -7.39 0.26
N ILE F 67 -14.42 -7.32 -0.60
CA ILE F 67 -14.20 -8.35 -1.60
C ILE F 67 -14.06 -9.73 -0.95
N HIS F 68 -13.36 -9.76 0.18
CA HIS F 68 -13.11 -11.01 0.90
C HIS F 68 -14.42 -11.62 1.40
N GLU F 69 -15.32 -10.76 1.86
CA GLU F 69 -16.64 -11.22 2.33
C GLU F 69 -17.39 -11.86 1.18
N ASN F 70 -17.40 -11.19 0.03
CA ASN F 70 -18.09 -11.71 -1.14
C ASN F 70 -17.59 -13.08 -1.57
N VAL F 71 -16.27 -13.26 -1.65
CA VAL F 71 -15.73 -14.57 -2.02
C VAL F 71 -16.03 -15.61 -0.94
N LYS F 72 -16.08 -15.18 0.31
CA LYS F 72 -16.40 -16.08 1.41
C LYS F 72 -17.81 -16.65 1.23
N VAL F 73 -18.74 -15.78 0.82
CA VAL F 73 -20.10 -16.21 0.53
C VAL F 73 -20.08 -17.20 -0.64
N LEU F 74 -19.33 -16.87 -1.68
CA LEU F 74 -19.20 -17.75 -2.84
C LEU F 74 -18.65 -19.12 -2.43
N LYS F 75 -17.81 -19.14 -1.39
CA LYS F 75 -17.23 -20.39 -0.91
C LYS F 75 -18.26 -21.22 -0.17
N GLU F 76 -19.03 -20.58 0.71
CA GLU F 76 -20.05 -21.28 1.49
C GLU F 76 -21.14 -21.87 0.60
N GLN F 77 -21.52 -21.15 -0.45
CA GLN F 77 -22.48 -21.66 -1.41
C GLN F 77 -21.88 -22.85 -2.13
N TYR F 78 -20.67 -22.66 -2.65
CA TYR F 78 -19.90 -23.73 -3.27
C TYR F 78 -19.84 -24.93 -2.34
N LEU F 79 -19.81 -24.67 -1.04
CA LEU F 79 -19.65 -25.72 -0.04
C LEU F 79 -20.94 -26.53 0.12
N GLY F 80 -22.07 -25.83 0.20
CA GLY F 80 -23.36 -26.48 0.39
C GLY F 80 -23.62 -27.57 -0.63
N TYR F 81 -23.36 -27.27 -1.89
CA TYR F 81 -23.57 -28.25 -2.97
C TYR F 81 -22.74 -29.50 -2.75
N ARG F 82 -21.60 -29.36 -2.06
CA ARG F 82 -20.72 -30.50 -1.81
C ARG F 82 -21.12 -31.26 -0.55
N LYS F 83 -21.72 -30.57 0.41
CA LYS F 83 -22.22 -31.24 1.61
C LYS F 83 -23.45 -32.05 1.24
N MET F 84 -24.18 -31.60 0.23
CA MET F 84 -25.33 -32.34 -0.28
C MET F 84 -24.86 -33.55 -1.09
N PHE F 85 -24.02 -33.30 -2.09
CA PHE F 85 -23.48 -34.37 -2.93
C PHE F 85 -22.76 -35.42 -2.10
N LEU F 86 -21.78 -35.00 -1.32
CA LEU F 86 -20.94 -35.91 -0.55
C LEU F 86 -20.10 -36.78 -1.48
N SER G 1 -10.11 -22.15 -30.70
CA SER G 1 -8.95 -22.00 -29.83
C SER G 1 -7.79 -21.38 -30.61
N ALA G 2 -7.71 -21.72 -31.89
CA ALA G 2 -6.70 -21.13 -32.78
C ALA G 2 -7.41 -20.57 -34.01
N PRO G 3 -6.95 -19.43 -34.52
CA PRO G 3 -5.78 -18.64 -34.10
C PRO G 3 -5.97 -17.80 -32.83
N ALA G 4 -7.01 -18.08 -32.05
CA ALA G 4 -7.27 -17.32 -30.83
C ALA G 4 -6.08 -17.40 -29.87
N ASP G 5 -5.45 -18.57 -29.82
CA ASP G 5 -4.28 -18.78 -28.96
C ASP G 5 -3.10 -17.92 -29.42
N TYR G 6 -2.86 -17.91 -30.72
CA TYR G 6 -1.77 -17.15 -31.30
C TYR G 6 -1.91 -15.66 -30.99
N PHE G 7 -3.12 -15.13 -31.19
CA PHE G 7 -3.36 -13.71 -30.96
C PHE G 7 -3.21 -13.36 -29.49
N ARG G 8 -3.82 -14.15 -28.61
CA ARG G 8 -3.77 -13.86 -27.17
C ARG G 8 -2.34 -13.95 -26.67
N ILE G 9 -1.51 -14.74 -27.34
CA ILE G 9 -0.08 -14.73 -27.09
C ILE G 9 0.52 -13.38 -27.50
N LEU G 10 0.15 -12.90 -28.67
CA LEU G 10 0.59 -11.58 -29.14
C LEU G 10 0.16 -10.49 -28.16
N VAL G 11 -1.00 -10.69 -27.52
CA VAL G 11 -1.53 -9.72 -26.59
C VAL G 11 -0.72 -9.71 -25.30
N GLN G 12 -0.38 -10.92 -24.83
CA GLN G 12 0.45 -11.05 -23.64
C GLN G 12 1.79 -10.36 -23.87
N GLN G 13 2.32 -10.50 -25.08
CA GLN G 13 3.57 -9.87 -25.45
C GLN G 13 3.46 -8.34 -25.37
N PHE G 14 2.43 -7.79 -26.02
CA PHE G 14 2.24 -6.35 -26.04
C PHE G 14 2.18 -5.78 -24.63
N GLU G 15 1.22 -6.27 -23.84
CA GLU G 15 1.05 -5.81 -22.47
C GLU G 15 2.37 -5.82 -21.72
N VAL G 16 3.02 -6.98 -21.72
CA VAL G 16 4.24 -7.17 -20.95
C VAL G 16 5.38 -6.27 -21.44
N GLN G 17 5.34 -5.92 -22.72
CA GLN G 17 6.34 -5.03 -23.30
C GLN G 17 6.08 -3.63 -22.80
N LEU G 18 4.80 -3.30 -22.62
CA LEU G 18 4.40 -2.01 -22.09
C LEU G 18 4.77 -1.89 -20.62
N GLN G 19 4.70 -3.02 -19.91
CA GLN G 19 5.07 -3.05 -18.50
C GLN G 19 6.57 -2.80 -18.33
N GLN G 20 7.38 -3.55 -19.06
CA GLN G 20 8.84 -3.39 -18.99
C GLN G 20 9.22 -1.96 -19.34
N TYR G 21 8.60 -1.44 -20.39
CA TYR G 21 8.82 -0.06 -20.83
C TYR G 21 8.55 0.91 -19.68
N ARG G 22 7.40 0.72 -19.02
CA ARG G 22 7.04 1.56 -17.90
C ARG G 22 8.05 1.46 -16.77
N GLN G 23 8.61 0.28 -16.59
CA GLN G 23 9.59 0.06 -15.53
C GLN G 23 10.89 0.81 -15.82
N GLN G 24 11.29 0.85 -17.09
CA GLN G 24 12.47 1.59 -17.48
C GLN G 24 12.28 3.09 -17.26
N ILE G 25 11.12 3.60 -17.64
CA ILE G 25 10.80 5.01 -17.45
C ILE G 25 10.70 5.35 -15.96
N GLU G 26 10.19 4.41 -15.17
CA GLU G 26 10.01 4.62 -13.74
C GLU G 26 11.36 4.60 -13.04
N GLU G 27 12.27 3.80 -13.56
CA GLU G 27 13.61 3.69 -13.02
C GLU G 27 14.34 5.01 -13.25
N LEU G 28 14.21 5.53 -14.47
CA LEU G 28 14.83 6.81 -14.81
C LEU G 28 14.28 7.93 -13.92
N GLU G 29 12.96 7.95 -13.72
CA GLU G 29 12.32 8.94 -12.88
C GLU G 29 12.80 8.85 -11.43
N ASN G 30 13.00 7.63 -10.96
CA ASN G 30 13.48 7.41 -9.60
C ASN G 30 14.95 7.76 -9.45
N HIS G 31 15.69 7.65 -10.55
CA HIS G 31 17.10 8.00 -10.55
C HIS G 31 17.25 9.50 -10.41
N LEU G 32 16.42 10.24 -11.14
CA LEU G 32 16.42 11.69 -11.05
C LEU G 32 15.86 12.18 -9.72
N ALA G 33 14.85 11.47 -9.22
CA ALA G 33 14.19 11.87 -7.97
C ALA G 33 15.09 11.64 -6.76
N THR G 34 16.17 10.90 -6.96
CA THR G 34 17.10 10.59 -5.88
C THR G 34 18.44 11.31 -6.07
N GLN G 35 18.71 11.76 -7.30
CA GLN G 35 19.98 12.41 -7.61
C GLN G 35 19.79 13.91 -7.87
N ALA G 36 18.56 14.39 -7.75
CA ALA G 36 18.26 15.80 -8.03
C ALA G 36 17.47 16.49 -6.90
N ASN G 37 16.84 15.70 -6.04
CA ASN G 37 15.99 16.25 -5.00
C ASN G 37 16.76 16.54 -3.71
N ASN G 38 17.89 15.87 -3.55
CA ASN G 38 18.77 16.11 -2.40
C ASN G 38 19.99 16.92 -2.82
N SER G 39 20.60 16.52 -3.94
CA SER G 39 21.70 17.25 -4.55
C SER G 39 21.19 17.88 -5.84
N HIS G 40 22.10 18.48 -6.61
CA HIS G 40 21.71 19.16 -7.84
C HIS G 40 22.07 18.35 -9.07
N ILE G 41 21.10 18.16 -9.96
CA ILE G 41 21.32 17.47 -11.23
C ILE G 41 21.84 18.46 -12.26
N THR G 42 22.75 17.99 -13.11
CA THR G 42 23.38 18.85 -14.10
C THR G 42 22.71 18.70 -15.46
N PRO G 43 22.73 19.77 -16.27
CA PRO G 43 22.23 19.70 -17.64
C PRO G 43 22.79 18.51 -18.39
N GLN G 44 24.05 18.17 -18.11
CA GLN G 44 24.70 17.02 -18.74
C GLN G 44 23.90 15.74 -18.50
N ASP G 45 23.22 15.69 -17.36
CA ASP G 45 22.44 14.51 -16.99
C ASP G 45 21.03 14.60 -17.54
N LEU G 46 20.55 15.82 -17.76
CA LEU G 46 19.26 16.01 -18.41
C LEU G 46 19.36 15.46 -19.82
N SER G 47 20.51 15.70 -20.45
CA SER G 47 20.78 15.20 -21.79
C SER G 47 20.77 13.67 -21.80
N MET G 48 21.38 13.06 -20.79
CA MET G 48 21.43 11.61 -20.69
C MET G 48 20.03 11.03 -20.52
N ALA G 49 19.22 11.71 -19.72
CA ALA G 49 17.86 11.25 -19.45
C ALA G 49 17.05 11.22 -20.74
N MET G 50 17.00 12.36 -21.42
CA MET G 50 16.26 12.47 -22.66
C MET G 50 16.76 11.43 -23.65
N GLN G 51 18.07 11.24 -23.68
CA GLN G 51 18.68 10.29 -24.60
C GLN G 51 18.18 8.88 -24.30
N LYS G 52 18.04 8.56 -23.02
CA LYS G 52 17.59 7.23 -22.62
C LYS G 52 16.11 7.05 -22.93
N ILE G 53 15.34 8.15 -22.90
CA ILE G 53 13.94 8.09 -23.26
C ILE G 53 13.79 7.75 -24.75
N TYR G 54 14.56 8.43 -25.59
CA TYR G 54 14.49 8.19 -27.03
C TYR G 54 14.91 6.76 -27.40
N GLN G 55 16.03 6.31 -26.85
CA GLN G 55 16.52 4.96 -27.14
C GLN G 55 15.54 3.91 -26.64
N THR G 56 15.02 4.11 -25.45
CA THR G 56 14.10 3.17 -24.84
C THR G 56 12.83 3.06 -25.69
N PHE G 57 12.39 4.19 -26.23
CA PHE G 57 11.20 4.17 -27.07
C PHE G 57 11.46 3.54 -28.43
N VAL G 58 12.68 3.68 -28.95
CA VAL G 58 13.02 3.06 -30.21
C VAL G 58 13.00 1.54 -30.07
N ALA G 59 13.47 1.04 -28.92
CA ALA G 59 13.39 -0.38 -28.62
C ALA G 59 11.92 -0.82 -28.56
N LEU G 60 11.12 -0.10 -27.78
CA LEU G 60 9.71 -0.40 -27.66
C LEU G 60 9.04 -0.46 -29.03
N ALA G 61 9.40 0.47 -29.89
CA ALA G 61 8.74 0.60 -31.19
C ALA G 61 9.10 -0.60 -32.05
N ALA G 62 10.35 -1.04 -31.96
CA ALA G 62 10.77 -2.25 -32.63
C ALA G 62 9.88 -3.42 -32.20
N GLN G 63 9.68 -3.57 -30.90
CA GLN G 63 8.80 -4.62 -30.37
C GLN G 63 7.38 -4.51 -30.95
N LEU G 64 6.87 -3.28 -31.01
CA LEU G 64 5.51 -3.05 -31.47
C LEU G 64 5.38 -3.37 -32.96
N GLN G 65 6.46 -3.14 -33.70
CA GLN G 65 6.46 -3.39 -35.14
C GLN G 65 6.45 -4.90 -35.38
N SER G 66 7.20 -5.62 -34.57
CA SER G 66 7.20 -7.07 -34.63
C SER G 66 5.80 -7.61 -34.43
N ILE G 67 5.13 -7.14 -33.37
CA ILE G 67 3.75 -7.55 -33.09
C ILE G 67 2.81 -7.16 -34.22
N HIS G 68 3.03 -5.99 -34.81
CA HIS G 68 2.18 -5.46 -35.87
C HIS G 68 2.25 -6.34 -37.11
N GLU G 69 3.44 -6.84 -37.41
CA GLU G 69 3.63 -7.73 -38.55
C GLU G 69 2.81 -9.01 -38.36
N ASN G 70 2.78 -9.51 -37.14
CA ASN G 70 2.07 -10.74 -36.83
C ASN G 70 0.56 -10.59 -36.97
N VAL G 71 0.00 -9.52 -36.42
CA VAL G 71 -1.43 -9.27 -36.59
C VAL G 71 -1.74 -9.01 -38.06
N LYS G 72 -0.78 -8.43 -38.78
CA LYS G 72 -0.94 -8.17 -40.20
C LYS G 72 -1.08 -9.48 -40.98
N VAL G 73 -0.26 -10.46 -40.64
CA VAL G 73 -0.35 -11.78 -41.27
C VAL G 73 -1.71 -12.40 -40.99
N LEU G 74 -2.11 -12.39 -39.72
CA LEU G 74 -3.42 -12.89 -39.32
C LEU G 74 -4.53 -12.25 -40.15
N LYS G 75 -4.37 -10.96 -40.42
CA LYS G 75 -5.35 -10.22 -41.22
C LYS G 75 -5.34 -10.74 -42.65
N GLU G 76 -4.15 -11.04 -43.16
CA GLU G 76 -4.01 -11.53 -44.53
C GLU G 76 -4.64 -12.90 -44.70
N GLN G 77 -4.55 -13.75 -43.68
CA GLN G 77 -5.12 -15.09 -43.73
C GLN G 77 -6.64 -15.01 -43.70
N TYR G 78 -7.17 -14.33 -42.69
CA TYR G 78 -8.60 -14.09 -42.57
C TYR G 78 -9.13 -13.50 -43.87
N LEU G 79 -8.32 -12.66 -44.50
CA LEU G 79 -8.70 -12.05 -45.77
C LEU G 79 -8.90 -13.13 -46.82
N GLY G 80 -7.85 -13.89 -47.10
CA GLY G 80 -7.92 -14.96 -48.09
C GLY G 80 -9.17 -15.79 -47.94
N TYR G 81 -9.48 -16.16 -46.70
CA TYR G 81 -10.70 -16.90 -46.42
C TYR G 81 -11.92 -16.14 -46.94
N ARG G 82 -12.04 -14.88 -46.56
CA ARG G 82 -13.15 -14.04 -47.04
C ARG G 82 -13.28 -14.09 -48.57
N LYS G 83 -12.16 -13.92 -49.26
CA LYS G 83 -12.17 -13.84 -50.72
C LYS G 83 -12.68 -15.13 -51.34
N MET G 84 -12.28 -16.26 -50.78
CA MET G 84 -12.74 -17.56 -51.25
C MET G 84 -14.26 -17.67 -51.08
N PHE G 85 -14.73 -17.44 -49.87
CA PHE G 85 -16.16 -17.49 -49.57
C PHE G 85 -16.89 -16.34 -50.28
N LEU G 86 -16.81 -15.15 -49.70
CA LEU G 86 -17.51 -14.00 -50.23
C LEU G 86 -16.67 -13.31 -51.31
N ALA H 2 20.97 33.13 -11.22
CA ALA H 2 19.92 33.34 -12.20
C ALA H 2 19.71 32.09 -13.05
N PRO H 3 20.80 31.50 -13.57
CA PRO H 3 20.66 30.32 -14.42
C PRO H 3 20.21 29.09 -13.62
N ALA H 4 20.50 29.07 -12.33
CA ALA H 4 20.15 27.94 -11.47
C ALA H 4 18.63 27.80 -11.36
N ASP H 5 17.98 28.90 -11.00
CA ASP H 5 16.52 28.89 -10.84
C ASP H 5 15.83 28.44 -12.12
N TYR H 6 16.24 29.03 -13.23
CA TYR H 6 15.67 28.71 -14.53
C TYR H 6 15.82 27.21 -14.83
N PHE H 7 17.02 26.68 -14.61
CA PHE H 7 17.28 25.28 -14.91
C PHE H 7 16.50 24.35 -13.98
N ARG H 8 16.23 24.81 -12.75
CA ARG H 8 15.46 24.01 -11.81
C ARG H 8 14.01 23.95 -12.25
N ILE H 9 13.53 25.04 -12.84
CA ILE H 9 12.20 25.04 -13.43
C ILE H 9 12.14 24.07 -14.60
N LEU H 10 13.20 24.05 -15.41
CA LEU H 10 13.29 23.13 -16.54
C LEU H 10 13.31 21.67 -16.09
N VAL H 11 14.01 21.40 -14.99
CA VAL H 11 14.10 20.04 -14.47
C VAL H 11 12.74 19.60 -13.95
N GLN H 12 12.04 20.53 -13.31
CA GLN H 12 10.70 20.26 -12.80
C GLN H 12 9.76 19.94 -13.95
N GLN H 13 9.91 20.67 -15.06
CA GLN H 13 9.08 20.46 -16.24
C GLN H 13 9.31 19.06 -16.81
N PHE H 14 10.58 18.68 -16.92
CA PHE H 14 10.93 17.36 -17.46
C PHE H 14 10.30 16.25 -16.63
N GLU H 15 10.63 16.23 -15.33
CA GLU H 15 10.12 15.21 -14.42
C GLU H 15 8.60 15.11 -14.52
N VAL H 16 7.94 16.26 -14.52
CA VAL H 16 6.48 16.30 -14.52
C VAL H 16 5.87 15.81 -15.83
N GLN H 17 6.55 16.07 -16.95
CA GLN H 17 6.07 15.60 -18.25
C GLN H 17 6.28 14.10 -18.34
N LEU H 18 7.30 13.61 -17.64
CA LEU H 18 7.60 12.19 -17.64
C LEU H 18 6.59 11.44 -16.77
N GLN H 19 6.14 12.07 -15.69
CA GLN H 19 5.10 11.50 -14.85
C GLN H 19 3.79 11.42 -15.61
N GLN H 20 3.41 12.53 -16.23
CA GLN H 20 2.19 12.59 -17.03
C GLN H 20 2.19 11.49 -18.07
N TYR H 21 3.33 11.35 -18.74
CA TYR H 21 3.51 10.33 -19.77
C TYR H 21 3.29 8.94 -19.20
N ARG H 22 3.89 8.68 -18.05
CA ARG H 22 3.74 7.38 -17.39
C ARG H 22 2.29 7.10 -17.03
N GLN H 23 1.55 8.15 -16.69
CA GLN H 23 0.15 8.01 -16.32
C GLN H 23 -0.70 7.68 -17.55
N GLN H 24 -0.37 8.29 -18.68
CA GLN H 24 -1.07 8.00 -19.92
C GLN H 24 -0.86 6.55 -20.33
N ILE H 25 0.37 6.08 -20.20
CA ILE H 25 0.72 4.70 -20.52
C ILE H 25 0.02 3.72 -19.56
N GLU H 26 0.00 4.08 -18.28
CA GLU H 26 -0.59 3.23 -17.25
C GLU H 26 -2.09 3.10 -17.47
N GLU H 27 -2.70 4.19 -17.94
CA GLU H 27 -4.12 4.18 -18.24
C GLU H 27 -4.42 3.18 -19.34
N LEU H 28 -3.46 3.03 -20.26
CA LEU H 28 -3.59 2.07 -21.34
C LEU H 28 -3.51 0.64 -20.81
N GLU H 29 -2.45 0.36 -20.06
CA GLU H 29 -2.26 -0.96 -19.47
C GLU H 29 -3.48 -1.38 -18.65
N ASN H 30 -4.09 -0.41 -17.95
CA ASN H 30 -5.24 -0.70 -17.11
C ASN H 30 -6.50 -0.86 -17.95
N HIS H 31 -6.56 -0.14 -19.06
CA HIS H 31 -7.68 -0.27 -19.99
C HIS H 31 -7.64 -1.66 -20.63
N LEU H 32 -6.44 -2.22 -20.77
CA LEU H 32 -6.27 -3.56 -21.33
C LEU H 32 -6.44 -4.62 -20.24
N ALA H 33 -6.31 -4.22 -18.98
CA ALA H 33 -6.57 -5.11 -17.86
C ALA H 33 -8.05 -5.06 -17.50
N THR H 34 -8.89 -4.89 -18.52
CA THR H 34 -10.34 -4.77 -18.32
C THR H 34 -11.06 -5.39 -19.51
N GLN H 35 -10.84 -4.84 -20.70
CA GLN H 35 -11.48 -5.37 -21.90
C GLN H 35 -10.93 -6.75 -22.28
N ALA H 36 -9.78 -7.11 -21.70
CA ALA H 36 -9.18 -8.42 -21.96
C ALA H 36 -9.47 -9.40 -20.82
N ASN H 37 -9.66 -8.87 -19.61
CA ASN H 37 -9.90 -9.70 -18.43
C ASN H 37 -11.38 -10.04 -18.28
N ASN H 38 -12.23 -9.10 -18.70
CA ASN H 38 -13.68 -9.32 -18.65
C ASN H 38 -14.16 -9.98 -19.94
N SER H 39 -13.78 -9.39 -21.08
CA SER H 39 -14.10 -9.95 -22.39
C SER H 39 -12.84 -10.56 -22.98
N HIS H 40 -12.66 -10.41 -24.29
CA HIS H 40 -11.44 -10.86 -24.94
C HIS H 40 -10.96 -9.81 -25.94
N ILE H 41 -9.83 -9.19 -25.62
CA ILE H 41 -9.29 -8.10 -26.42
C ILE H 41 -9.27 -8.41 -27.91
N THR H 42 -9.55 -7.40 -28.73
CA THR H 42 -9.69 -7.53 -30.16
C THR H 42 -8.43 -7.03 -30.87
N PRO H 43 -8.13 -7.57 -32.06
CA PRO H 43 -7.04 -6.98 -32.86
C PRO H 43 -7.23 -5.47 -32.98
N GLN H 44 -8.45 -5.04 -33.30
CA GLN H 44 -8.82 -3.64 -33.26
C GLN H 44 -8.19 -2.94 -32.05
N ASP H 45 -8.42 -3.50 -30.88
CA ASP H 45 -7.93 -2.92 -29.63
C ASP H 45 -6.43 -2.74 -29.68
N LEU H 46 -5.70 -3.80 -30.02
CA LEU H 46 -4.25 -3.75 -30.11
C LEU H 46 -3.78 -2.60 -30.99
N SER H 47 -4.42 -2.45 -32.15
CA SER H 47 -4.02 -1.45 -33.13
C SER H 47 -4.22 -0.03 -32.62
N MET H 48 -5.38 0.24 -32.04
CA MET H 48 -5.67 1.55 -31.49
C MET H 48 -4.74 1.86 -30.32
N ALA H 49 -4.34 0.80 -29.61
CA ALA H 49 -3.47 0.96 -28.46
C ALA H 49 -2.06 1.34 -28.90
N MET H 50 -1.58 0.69 -29.96
CA MET H 50 -0.24 0.97 -30.49
C MET H 50 -0.22 2.39 -31.03
N GLN H 51 -1.32 2.77 -31.67
CA GLN H 51 -1.47 4.12 -32.20
C GLN H 51 -1.47 5.13 -31.05
N LYS H 52 -2.07 4.75 -29.93
CA LYS H 52 -2.10 5.60 -28.76
C LYS H 52 -0.68 5.78 -28.20
N ILE H 53 0.11 4.71 -28.24
CA ILE H 53 1.49 4.78 -27.77
C ILE H 53 2.31 5.76 -28.61
N TYR H 54 2.28 5.59 -29.92
CA TYR H 54 3.01 6.48 -30.83
C TYR H 54 2.61 7.93 -30.64
N GLN H 55 1.30 8.18 -30.57
CA GLN H 55 0.78 9.53 -30.43
C GLN H 55 1.29 10.21 -29.15
N THR H 56 1.13 9.52 -28.03
CA THR H 56 1.54 10.05 -26.75
C THR H 56 3.05 10.28 -26.73
N PHE H 57 3.80 9.45 -27.45
CA PHE H 57 5.24 9.64 -27.49
C PHE H 57 5.64 10.83 -28.35
N VAL H 58 4.88 11.11 -29.40
CA VAL H 58 5.17 12.26 -30.25
C VAL H 58 4.91 13.54 -29.47
N ALA H 59 3.86 13.55 -28.65
CA ALA H 59 3.59 14.67 -27.75
C ALA H 59 4.74 14.83 -26.75
N LEU H 60 5.13 13.73 -26.12
CA LEU H 60 6.21 13.77 -25.14
C LEU H 60 7.48 14.31 -25.77
N ALA H 61 7.75 13.90 -27.01
CA ALA H 61 8.98 14.26 -27.69
C ALA H 61 8.98 15.76 -27.96
N ALA H 62 7.82 16.28 -28.34
CA ALA H 62 7.66 17.72 -28.52
C ALA H 62 8.01 18.45 -27.23
N GLN H 63 7.52 17.93 -26.09
CA GLN H 63 7.87 18.52 -24.80
C GLN H 63 9.38 18.50 -24.56
N LEU H 64 10.01 17.37 -24.87
CA LEU H 64 11.44 17.19 -24.62
C LEU H 64 12.27 18.10 -25.52
N GLN H 65 11.74 18.40 -26.70
CA GLN H 65 12.44 19.25 -27.65
C GLN H 65 12.38 20.68 -27.15
N SER H 66 11.22 21.07 -26.63
CA SER H 66 11.04 22.38 -26.03
C SER H 66 12.06 22.60 -24.92
N ILE H 67 12.18 21.64 -24.02
CA ILE H 67 13.15 21.70 -22.93
C ILE H 67 14.58 21.72 -23.46
N HIS H 68 14.84 20.95 -24.50
CA HIS H 68 16.17 20.83 -25.07
C HIS H 68 16.65 22.16 -25.63
N GLU H 69 15.73 22.92 -26.22
CA GLU H 69 16.07 24.22 -26.78
C GLU H 69 16.47 25.19 -25.68
N ASN H 70 15.77 25.12 -24.55
CA ASN H 70 16.05 26.00 -23.42
C ASN H 70 17.43 25.74 -22.83
N VAL H 71 17.77 24.46 -22.64
CA VAL H 71 19.09 24.13 -22.14
C VAL H 71 20.18 24.51 -23.15
N LYS H 72 19.86 24.40 -24.44
CA LYS H 72 20.81 24.76 -25.48
C LYS H 72 21.09 26.26 -25.46
N VAL H 73 20.06 27.05 -25.16
CA VAL H 73 20.21 28.50 -25.02
C VAL H 73 21.13 28.80 -23.85
N LEU H 74 20.85 28.17 -22.71
CA LEU H 74 21.70 28.34 -21.53
C LEU H 74 23.14 27.95 -21.82
N LYS H 75 23.32 26.95 -22.68
CA LYS H 75 24.65 26.50 -23.06
C LYS H 75 25.37 27.56 -23.88
N GLU H 76 24.66 28.16 -24.83
CA GLU H 76 25.25 29.18 -25.68
C GLU H 76 25.56 30.46 -24.90
N GLN H 77 24.78 30.73 -23.86
CA GLN H 77 25.04 31.89 -23.01
C GLN H 77 26.33 31.68 -22.23
N TYR H 78 26.36 30.59 -21.46
CA TYR H 78 27.57 30.22 -20.73
C TYR H 78 28.77 30.21 -21.65
N LEU H 79 28.55 29.77 -22.89
CA LEU H 79 29.63 29.68 -23.87
C LEU H 79 30.18 31.08 -24.14
N GLY H 80 29.29 32.02 -24.44
CA GLY H 80 29.70 33.39 -24.69
C GLY H 80 30.54 33.92 -23.54
N TYR H 81 30.10 33.67 -22.32
CA TYR H 81 30.87 34.06 -21.15
C TYR H 81 32.28 33.44 -21.19
N ARG H 82 32.36 32.18 -21.59
CA ARG H 82 33.64 31.48 -21.66
C ARG H 82 34.51 31.96 -22.82
N LYS H 83 33.89 32.52 -23.85
CA LYS H 83 34.63 33.00 -25.00
C LYS H 83 35.24 34.36 -24.67
N MET H 84 34.55 35.14 -23.86
CA MET H 84 35.08 36.40 -23.35
C MET H 84 36.26 36.13 -22.43
N PHE H 85 36.00 35.38 -21.35
CA PHE H 85 37.04 35.00 -20.40
C PHE H 85 38.16 34.21 -21.08
N LEU H 86 37.81 33.53 -22.17
CA LEU H 86 38.76 32.68 -22.88
C LEU H 86 39.34 31.60 -21.95
N SER I 1 -13.30 7.17 -21.21
CA SER I 1 -12.64 7.94 -20.16
C SER I 1 -12.28 7.03 -18.98
N ALA I 2 -11.16 7.33 -18.34
CA ALA I 2 -10.72 6.59 -17.16
C ALA I 2 -11.75 6.67 -16.04
N PRO I 3 -12.19 7.89 -15.69
CA PRO I 3 -13.17 8.04 -14.60
C PRO I 3 -14.50 7.36 -14.93
N ALA I 4 -14.91 7.41 -16.19
CA ALA I 4 -16.17 6.81 -16.60
C ALA I 4 -16.10 5.28 -16.55
N ASP I 5 -14.94 4.74 -16.87
CA ASP I 5 -14.74 3.29 -16.84
C ASP I 5 -14.65 2.77 -15.41
N TYR I 6 -14.09 3.59 -14.51
CA TYR I 6 -14.03 3.23 -13.11
C TYR I 6 -15.43 3.22 -12.49
N PHE I 7 -16.20 4.26 -12.78
CA PHE I 7 -17.55 4.38 -12.26
C PHE I 7 -18.43 3.28 -12.85
N ARG I 8 -18.16 2.91 -14.09
CA ARG I 8 -18.87 1.82 -14.75
C ARG I 8 -18.77 0.57 -13.88
N ILE I 9 -17.59 0.36 -13.29
CA ILE I 9 -17.35 -0.80 -12.46
C ILE I 9 -18.00 -0.65 -11.09
N LEU I 10 -17.97 0.56 -10.54
CA LEU I 10 -18.66 0.83 -9.27
C LEU I 10 -20.15 0.53 -9.40
N VAL I 11 -20.70 0.79 -10.58
CA VAL I 11 -22.11 0.57 -10.84
C VAL I 11 -22.39 -0.92 -10.98
N GLN I 12 -21.55 -1.60 -11.75
CA GLN I 12 -21.63 -3.05 -11.89
C GLN I 12 -21.65 -3.69 -10.51
N GLN I 13 -20.85 -3.14 -9.61
CA GLN I 13 -20.71 -3.70 -8.27
C GLN I 13 -21.94 -3.45 -7.41
N PHE I 14 -22.48 -2.23 -7.44
CA PHE I 14 -23.67 -1.91 -6.70
C PHE I 14 -24.83 -2.85 -7.10
N GLU I 15 -25.11 -2.88 -8.40
CA GLU I 15 -26.18 -3.73 -8.93
C GLU I 15 -26.01 -5.18 -8.50
N VAL I 16 -24.84 -5.75 -8.78
CA VAL I 16 -24.57 -7.14 -8.45
C VAL I 16 -24.73 -7.43 -6.96
N GLN I 17 -24.36 -6.46 -6.13
CA GLN I 17 -24.45 -6.63 -4.69
C GLN I 17 -25.91 -6.60 -4.28
N LEU I 18 -26.69 -5.81 -5.00
CA LEU I 18 -28.11 -5.66 -4.71
C LEU I 18 -28.87 -6.91 -5.18
N GLN I 19 -28.34 -7.57 -6.21
CA GLN I 19 -28.92 -8.82 -6.70
C GLN I 19 -28.68 -9.92 -5.68
N GLN I 20 -27.44 -10.02 -5.22
CA GLN I 20 -27.06 -11.09 -4.29
C GLN I 20 -27.77 -10.91 -2.96
N TYR I 21 -27.96 -9.66 -2.56
CA TYR I 21 -28.70 -9.35 -1.34
C TYR I 21 -30.15 -9.80 -1.47
N ARG I 22 -30.80 -9.35 -2.54
CA ARG I 22 -32.17 -9.75 -2.83
C ARG I 22 -32.28 -11.27 -2.93
N GLN I 23 -31.20 -11.92 -3.34
CA GLN I 23 -31.17 -13.37 -3.44
C GLN I 23 -31.19 -14.01 -2.05
N GLN I 24 -30.39 -13.48 -1.15
CA GLN I 24 -30.35 -13.98 0.23
C GLN I 24 -31.71 -13.85 0.89
N ILE I 25 -32.37 -12.71 0.69
CA ILE I 25 -33.70 -12.48 1.25
C ILE I 25 -34.73 -13.43 0.64
N GLU I 26 -34.64 -13.65 -0.66
CA GLU I 26 -35.55 -14.56 -1.35
C GLU I 26 -35.39 -15.97 -0.83
N GLU I 27 -34.15 -16.32 -0.48
CA GLU I 27 -33.86 -17.64 0.08
C GLU I 27 -34.55 -17.77 1.43
N LEU I 28 -34.38 -16.76 2.27
CA LEU I 28 -35.01 -16.76 3.59
C LEU I 28 -36.52 -16.95 3.46
N GLU I 29 -37.13 -16.24 2.52
CA GLU I 29 -38.56 -16.33 2.29
C GLU I 29 -38.98 -17.74 1.91
N ASN I 30 -38.27 -18.32 0.96
CA ASN I 30 -38.58 -19.67 0.48
C ASN I 30 -38.45 -20.71 1.59
N HIS I 31 -37.50 -20.48 2.49
CA HIS I 31 -37.30 -21.40 3.62
C HIS I 31 -38.47 -21.36 4.59
N LEU I 32 -39.24 -20.27 4.56
CA LEU I 32 -40.40 -20.13 5.44
C LEU I 32 -41.68 -20.55 4.74
N ALA I 33 -41.73 -20.40 3.43
CA ALA I 33 -42.89 -20.81 2.65
C ALA I 33 -42.96 -22.33 2.60
N THR I 34 -41.80 -22.97 2.52
CA THR I 34 -41.72 -24.42 2.50
C THR I 34 -41.88 -24.99 3.91
N GLN I 35 -41.37 -24.27 4.91
CA GLN I 35 -41.43 -24.72 6.29
C GLN I 35 -42.78 -24.38 6.92
N ALA I 36 -43.70 -23.85 6.11
CA ALA I 36 -45.07 -23.62 6.54
C ALA I 36 -45.93 -24.80 6.11
N ASN I 37 -45.71 -25.25 4.87
CA ASN I 37 -46.35 -26.46 4.37
C ASN I 37 -45.76 -27.71 5.03
N ASN I 38 -44.64 -27.53 5.73
CA ASN I 38 -43.99 -28.63 6.42
C ASN I 38 -44.59 -28.87 7.80
N SER I 39 -44.68 -27.80 8.59
CA SER I 39 -45.23 -27.89 9.94
C SER I 39 -45.56 -26.49 10.45
N HIS I 40 -45.47 -26.30 11.76
CA HIS I 40 -45.70 -24.98 12.34
C HIS I 40 -44.39 -24.20 12.46
N ILE I 41 -44.42 -22.94 12.05
CA ILE I 41 -43.24 -22.08 12.16
C ILE I 41 -43.08 -21.61 13.62
N THR I 42 -41.94 -21.96 14.21
CA THR I 42 -41.70 -21.70 15.62
C THR I 42 -41.30 -20.25 15.86
N PRO I 43 -41.65 -19.69 17.03
CA PRO I 43 -41.18 -18.34 17.38
C PRO I 43 -39.67 -18.21 17.23
N GLN I 44 -38.94 -19.29 17.54
CA GLN I 44 -37.50 -19.31 17.40
C GLN I 44 -37.10 -19.15 15.92
N ASP I 45 -37.93 -19.70 15.04
CA ASP I 45 -37.70 -19.55 13.60
C ASP I 45 -37.81 -18.08 13.21
N LEU I 46 -38.84 -17.41 13.71
CA LEU I 46 -39.03 -16.00 13.43
C LEU I 46 -37.84 -15.18 13.93
N SER I 47 -37.35 -15.52 15.12
CA SER I 47 -36.21 -14.83 15.70
C SER I 47 -34.97 -14.99 14.83
N MET I 48 -34.75 -16.21 14.34
CA MET I 48 -33.59 -16.50 13.51
C MET I 48 -33.66 -15.75 12.18
N ALA I 49 -34.86 -15.65 11.61
CA ALA I 49 -35.05 -14.99 10.33
C ALA I 49 -34.77 -13.50 10.47
N MET I 50 -35.31 -12.89 11.52
CA MET I 50 -35.08 -11.47 11.77
C MET I 50 -33.60 -11.24 11.97
N GLN I 51 -32.95 -12.16 12.67
CA GLN I 51 -31.52 -12.04 12.93
C GLN I 51 -30.73 -12.12 11.63
N LYS I 52 -31.17 -12.96 10.71
CA LYS I 52 -30.49 -13.13 9.43
C LYS I 52 -30.73 -11.93 8.52
N ILE I 53 -31.86 -11.25 8.72
CA ILE I 53 -32.16 -10.04 7.97
C ILE I 53 -31.23 -8.89 8.40
N TYR I 54 -31.12 -8.69 9.70
CA TYR I 54 -30.25 -7.64 10.23
C TYR I 54 -28.79 -7.90 9.86
N GLN I 55 -28.35 -9.14 9.98
CA GLN I 55 -26.98 -9.52 9.64
C GLN I 55 -26.70 -9.28 8.17
N THR I 56 -27.60 -9.78 7.33
CA THR I 56 -27.46 -9.70 5.88
C THR I 56 -27.37 -8.24 5.44
N PHE I 57 -28.15 -7.38 6.09
CA PHE I 57 -28.09 -5.96 5.77
C PHE I 57 -26.73 -5.38 6.16
N VAL I 58 -26.36 -5.51 7.43
CA VAL I 58 -25.07 -5.00 7.88
C VAL I 58 -23.98 -5.33 6.85
N ALA I 59 -24.02 -6.55 6.32
CA ALA I 59 -23.11 -6.92 5.24
C ALA I 59 -23.30 -6.03 4.02
N LEU I 60 -24.55 -5.90 3.58
CA LEU I 60 -24.86 -5.02 2.45
C LEU I 60 -24.30 -3.62 2.73
N ALA I 61 -24.89 -2.94 3.70
CA ALA I 61 -24.41 -1.63 4.14
C ALA I 61 -22.90 -1.50 4.03
N ALA I 62 -22.16 -2.50 4.48
CA ALA I 62 -20.71 -2.48 4.37
C ALA I 62 -20.26 -2.40 2.91
N GLN I 63 -20.89 -3.21 2.05
CA GLN I 63 -20.60 -3.14 0.62
C GLN I 63 -20.86 -1.73 0.08
N LEU I 64 -21.99 -1.16 0.46
CA LEU I 64 -22.40 0.15 -0.03
C LEU I 64 -21.47 1.24 0.48
N GLN I 65 -20.88 1.01 1.66
CA GLN I 65 -19.96 1.97 2.24
C GLN I 65 -18.67 1.97 1.43
N SER I 66 -18.22 0.77 1.07
CA SER I 66 -17.04 0.60 0.24
C SER I 66 -17.22 1.36 -1.08
N ILE I 67 -18.38 1.17 -1.71
CA ILE I 67 -18.69 1.88 -2.96
C ILE I 67 -18.75 3.40 -2.74
N HIS I 68 -19.33 3.81 -1.62
CA HIS I 68 -19.53 5.23 -1.33
C HIS I 68 -18.19 5.95 -1.22
N GLU I 69 -17.21 5.28 -0.62
CA GLU I 69 -15.88 5.85 -0.48
C GLU I 69 -15.25 6.09 -1.84
N ASN I 70 -15.39 5.13 -2.75
CA ASN I 70 -14.81 5.25 -4.07
C ASN I 70 -15.41 6.41 -4.85
N VAL I 71 -16.73 6.56 -4.81
CA VAL I 71 -17.36 7.70 -5.48
C VAL I 71 -16.93 9.01 -4.83
N LYS I 72 -16.74 9.01 -3.52
CA LYS I 72 -16.33 10.21 -2.81
C LYS I 72 -14.96 10.67 -3.30
N VAL I 73 -14.04 9.74 -3.50
CA VAL I 73 -12.73 10.05 -4.06
C VAL I 73 -12.91 10.65 -5.44
N LEU I 74 -13.69 9.97 -6.28
CA LEU I 74 -14.00 10.45 -7.62
C LEU I 74 -14.54 11.87 -7.58
N LYS I 75 -15.25 12.20 -6.50
CA LYS I 75 -15.81 13.53 -6.34
C LYS I 75 -14.73 14.56 -6.00
N GLU I 76 -13.84 14.21 -5.08
CA GLU I 76 -12.76 15.10 -4.69
C GLU I 76 -11.86 15.41 -5.88
N GLN I 77 -11.74 14.45 -6.79
CA GLN I 77 -10.95 14.64 -8.01
C GLN I 77 -11.67 15.57 -8.97
N TYR I 78 -12.94 15.30 -9.23
CA TYR I 78 -13.76 16.15 -10.08
C TYR I 78 -13.75 17.59 -9.57
N LEU I 79 -13.63 17.74 -8.26
CA LEU I 79 -13.57 19.07 -7.64
C LEU I 79 -12.17 19.64 -7.76
N GLY I 80 -11.16 18.77 -7.68
CA GLY I 80 -9.78 19.20 -7.81
C GLY I 80 -9.58 19.92 -9.13
N TYR I 81 -10.10 19.32 -10.19
CA TYR I 81 -10.04 19.94 -11.51
C TYR I 81 -10.96 21.15 -11.57
N ARG I 82 -12.22 20.96 -11.18
CA ARG I 82 -13.21 22.02 -11.23
C ARG I 82 -12.81 23.26 -10.44
N LYS I 83 -11.87 23.09 -9.50
CA LYS I 83 -11.45 24.19 -8.65
C LYS I 83 -10.54 25.17 -9.39
N MET I 84 -9.33 24.73 -9.72
CA MET I 84 -8.35 25.60 -10.35
C MET I 84 -8.78 26.03 -11.75
N PHE I 85 -9.69 25.27 -12.37
CA PHE I 85 -10.25 25.66 -13.65
C PHE I 85 -11.34 26.72 -13.49
N LEU I 86 -11.56 27.14 -12.25
CA LEU I 86 -12.55 28.17 -11.95
C LEU I 86 -12.09 29.01 -10.77
N SER J 1 -54.39 -22.59 20.30
CA SER J 1 -55.52 -21.97 19.62
C SER J 1 -55.42 -20.45 19.71
N ALA J 2 -55.61 -19.91 20.91
CA ALA J 2 -55.53 -18.48 21.13
C ALA J 2 -54.14 -17.95 20.80
N PRO J 3 -53.09 -18.58 21.34
CA PRO J 3 -51.72 -18.12 21.06
C PRO J 3 -51.23 -18.51 19.67
N ALA J 4 -51.70 -19.63 19.14
CA ALA J 4 -51.24 -20.12 17.85
C ALA J 4 -51.81 -19.30 16.69
N ASP J 5 -53.04 -18.83 16.85
CA ASP J 5 -53.67 -18.00 15.82
C ASP J 5 -53.04 -16.62 15.78
N TYR J 6 -52.78 -16.07 16.97
CA TYR J 6 -52.15 -14.77 17.10
C TYR J 6 -50.76 -14.78 16.47
N PHE J 7 -49.95 -15.78 16.83
CA PHE J 7 -48.61 -15.91 16.28
C PHE J 7 -48.67 -16.21 14.79
N ARG J 8 -49.70 -16.95 14.38
CA ARG J 8 -49.88 -17.25 12.96
C ARG J 8 -50.02 -15.95 12.19
N ILE J 9 -50.77 -15.02 12.76
CA ILE J 9 -50.92 -13.70 12.15
C ILE J 9 -49.60 -12.94 12.15
N LEU J 10 -48.84 -13.04 13.24
CA LEU J 10 -47.52 -12.40 13.30
C LEU J 10 -46.62 -12.89 12.18
N VAL J 11 -46.71 -14.18 11.86
CA VAL J 11 -45.91 -14.77 10.79
C VAL J 11 -46.39 -14.20 9.46
N GLN J 12 -47.71 -14.07 9.33
CA GLN J 12 -48.30 -13.46 8.15
C GLN J 12 -47.65 -12.10 7.90
N GLN J 13 -47.58 -11.29 8.94
CA GLN J 13 -47.05 -9.94 8.83
C GLN J 13 -45.57 -9.97 8.40
N PHE J 14 -44.79 -10.81 9.06
CA PHE J 14 -43.36 -10.91 8.75
C PHE J 14 -43.14 -11.21 7.27
N GLU J 15 -43.65 -12.35 6.82
CA GLU J 15 -43.49 -12.78 5.43
C GLU J 15 -43.91 -11.70 4.45
N VAL J 16 -45.08 -11.10 4.70
CA VAL J 16 -45.63 -10.10 3.79
C VAL J 16 -44.79 -8.81 3.75
N GLN J 17 -44.20 -8.45 4.87
CA GLN J 17 -43.36 -7.26 4.95
C GLN J 17 -42.05 -7.55 4.24
N LEU J 18 -41.66 -8.82 4.26
CA LEU J 18 -40.44 -9.25 3.60
C LEU J 18 -40.64 -9.29 2.08
N GLN J 19 -41.86 -9.60 1.66
CA GLN J 19 -42.20 -9.56 0.23
C GLN J 19 -42.21 -8.12 -0.25
N GLN J 20 -42.82 -7.24 0.53
CA GLN J 20 -42.93 -5.83 0.19
C GLN J 20 -41.54 -5.20 0.08
N TYR J 21 -40.67 -5.58 1.00
CA TYR J 21 -39.30 -5.09 1.04
C TYR J 21 -38.56 -5.52 -0.23
N ARG J 22 -38.58 -6.83 -0.49
CA ARG J 22 -37.97 -7.37 -1.69
C ARG J 22 -38.51 -6.68 -2.93
N GLN J 23 -39.78 -6.29 -2.87
CA GLN J 23 -40.43 -5.65 -4.01
C GLN J 23 -39.89 -4.23 -4.22
N GLN J 24 -39.68 -3.50 -3.13
CA GLN J 24 -39.14 -2.15 -3.21
C GLN J 24 -37.71 -2.18 -3.76
N ILE J 25 -36.95 -3.19 -3.36
CA ILE J 25 -35.59 -3.36 -3.85
C ILE J 25 -35.59 -3.74 -5.33
N GLU J 26 -36.53 -4.58 -5.73
CA GLU J 26 -36.62 -5.02 -7.12
C GLU J 26 -36.99 -3.85 -8.02
N GLU J 27 -37.82 -2.95 -7.50
CA GLU J 27 -38.21 -1.76 -8.24
C GLU J 27 -36.98 -0.87 -8.45
N LEU J 28 -36.32 -0.55 -7.35
CA LEU J 28 -35.09 0.25 -7.39
C LEU J 28 -34.04 -0.44 -8.26
N GLU J 29 -34.10 -1.76 -8.32
CA GLU J 29 -33.12 -2.55 -9.05
C GLU J 29 -33.43 -2.55 -10.55
N ASN J 30 -34.71 -2.46 -10.88
CA ASN J 30 -35.14 -2.40 -12.28
C ASN J 30 -35.04 -0.97 -12.81
N HIS J 31 -35.06 0.00 -11.90
CA HIS J 31 -34.94 1.40 -12.26
C HIS J 31 -33.55 1.69 -12.81
N LEU J 32 -32.57 0.91 -12.39
CA LEU J 32 -31.20 1.08 -12.85
C LEU J 32 -30.94 0.30 -14.14
N ALA J 33 -31.83 -0.64 -14.44
CA ALA J 33 -31.78 -1.33 -15.72
C ALA J 33 -32.39 -0.43 -16.80
N THR J 34 -33.10 0.60 -16.36
CA THR J 34 -33.70 1.57 -17.27
C THR J 34 -32.69 2.64 -17.67
N GLN J 35 -32.08 3.27 -16.68
CA GLN J 35 -31.10 4.33 -16.94
C GLN J 35 -29.74 3.76 -17.31
N ALA J 36 -29.67 2.45 -17.54
CA ALA J 36 -28.49 1.83 -18.10
C ALA J 36 -28.72 1.52 -19.58
N ASN J 37 -30.00 1.53 -19.98
CA ASN J 37 -30.37 1.29 -21.37
C ASN J 37 -30.87 2.57 -22.04
N ASN J 38 -31.33 3.52 -21.23
CA ASN J 38 -31.75 4.82 -21.75
C ASN J 38 -30.57 5.77 -21.86
N SER J 39 -29.64 5.65 -20.91
CA SER J 39 -28.44 6.46 -20.91
C SER J 39 -27.38 5.75 -20.07
N HIS J 40 -26.53 6.52 -19.40
CA HIS J 40 -25.53 5.95 -18.49
C HIS J 40 -25.82 6.38 -17.07
N ILE J 41 -25.81 5.42 -16.15
CA ILE J 41 -26.03 5.71 -14.73
C ILE J 41 -24.97 6.69 -14.25
N THR J 42 -25.37 7.58 -13.35
CA THR J 42 -24.49 8.66 -12.90
C THR J 42 -24.24 8.57 -11.40
N PRO J 43 -23.30 9.38 -10.88
CA PRO J 43 -23.02 9.42 -9.45
C PRO J 43 -24.25 9.81 -8.64
N GLN J 44 -25.07 10.70 -9.20
CA GLN J 44 -26.32 11.10 -8.57
C GLN J 44 -27.21 9.88 -8.36
N ASP J 45 -27.29 9.04 -9.40
CA ASP J 45 -28.11 7.84 -9.35
C ASP J 45 -27.67 6.93 -8.21
N LEU J 46 -26.39 6.60 -8.17
CA LEU J 46 -25.85 5.75 -7.12
C LEU J 46 -26.16 6.31 -5.74
N SER J 47 -25.99 7.63 -5.59
CA SER J 47 -26.20 8.27 -4.29
C SER J 47 -27.62 8.07 -3.79
N MET J 48 -28.60 8.51 -4.58
CA MET J 48 -30.00 8.46 -4.19
C MET J 48 -30.51 7.02 -4.07
N ALA J 49 -29.93 6.11 -4.82
CA ALA J 49 -30.31 4.70 -4.76
C ALA J 49 -29.89 4.12 -3.42
N MET J 50 -28.64 4.36 -3.04
CA MET J 50 -28.12 3.88 -1.76
C MET J 50 -28.94 4.50 -0.65
N GLN J 51 -29.32 5.76 -0.85
CA GLN J 51 -30.12 6.48 0.13
C GLN J 51 -31.47 5.82 0.33
N LYS J 52 -32.10 5.39 -0.75
CA LYS J 52 -33.41 4.76 -0.62
C LYS J 52 -33.29 3.34 -0.10
N ILE J 53 -32.14 2.71 -0.28
CA ILE J 53 -31.89 1.40 0.33
C ILE J 53 -31.85 1.53 1.85
N TYR J 54 -31.08 2.50 2.34
CA TYR J 54 -30.99 2.74 3.78
C TYR J 54 -32.37 3.08 4.37
N GLN J 55 -33.08 3.99 3.72
CA GLN J 55 -34.39 4.42 4.20
C GLN J 55 -35.36 3.25 4.26
N THR J 56 -35.37 2.48 3.18
CA THR J 56 -36.31 1.38 3.02
C THR J 56 -36.05 0.31 4.08
N PHE J 57 -34.78 0.11 4.43
CA PHE J 57 -34.46 -0.82 5.50
C PHE J 57 -34.98 -0.29 6.84
N VAL J 58 -34.68 0.97 7.15
CA VAL J 58 -35.13 1.55 8.40
C VAL J 58 -36.63 1.30 8.57
N ALA J 59 -37.38 1.45 7.49
CA ALA J 59 -38.80 1.13 7.50
C ALA J 59 -39.01 -0.34 7.88
N LEU J 60 -38.32 -1.23 7.17
CA LEU J 60 -38.39 -2.65 7.49
C LEU J 60 -38.10 -2.87 8.97
N ALA J 61 -36.84 -2.70 9.37
CA ALA J 61 -36.44 -2.76 10.77
C ALA J 61 -37.55 -2.37 11.73
N ALA J 62 -38.21 -1.23 11.47
CA ALA J 62 -39.31 -0.80 12.32
C ALA J 62 -40.42 -1.86 12.36
N GLN J 63 -40.85 -2.29 11.18
CA GLN J 63 -41.86 -3.35 11.10
C GLN J 63 -41.44 -4.57 11.92
N LEU J 64 -40.23 -5.06 11.67
CA LEU J 64 -39.71 -6.22 12.38
C LEU J 64 -39.66 -5.95 13.88
N GLN J 65 -39.48 -4.68 14.24
CA GLN J 65 -39.37 -4.31 15.64
C GLN J 65 -40.71 -4.50 16.34
N SER J 66 -41.78 -4.02 15.72
CA SER J 66 -43.10 -4.19 16.31
C SER J 66 -43.48 -5.68 16.41
N ILE J 67 -43.11 -6.45 15.39
CA ILE J 67 -43.34 -7.88 15.42
C ILE J 67 -42.57 -8.51 16.59
N HIS J 68 -41.36 -7.99 16.82
CA HIS J 68 -40.51 -8.50 17.89
C HIS J 68 -41.14 -8.23 19.25
N GLU J 69 -41.74 -7.06 19.40
CA GLU J 69 -42.42 -6.71 20.64
C GLU J 69 -43.56 -7.69 20.90
N ASN J 70 -44.35 -7.96 19.88
CA ASN J 70 -45.47 -8.90 20.01
C ASN J 70 -45.04 -10.29 20.45
N VAL J 71 -44.04 -10.85 19.79
CA VAL J 71 -43.57 -12.19 20.16
C VAL J 71 -42.98 -12.16 21.56
N LYS J 72 -42.38 -11.03 21.94
CA LYS J 72 -41.81 -10.87 23.27
C LYS J 72 -42.91 -10.93 24.34
N VAL J 73 -44.05 -10.32 24.05
CA VAL J 73 -45.20 -10.39 24.93
C VAL J 73 -45.64 -11.84 25.08
N LEU J 74 -45.76 -12.54 23.96
CA LEU J 74 -46.10 -13.96 23.99
C LEU J 74 -45.13 -14.75 24.87
N LYS J 75 -43.86 -14.40 24.79
CA LYS J 75 -42.83 -15.09 25.55
C LYS J 75 -43.02 -14.88 27.04
N GLU J 76 -43.31 -13.65 27.43
CA GLU J 76 -43.48 -13.30 28.84
C GLU J 76 -44.75 -13.91 29.43
N GLN J 77 -45.79 -14.06 28.60
CA GLN J 77 -47.03 -14.66 29.04
C GLN J 77 -46.80 -16.14 29.33
N TYR J 78 -46.29 -16.87 28.34
CA TYR J 78 -45.93 -18.26 28.52
C TYR J 78 -45.00 -18.41 29.72
N LEU J 79 -44.12 -17.44 29.91
CA LEU J 79 -43.16 -17.49 31.00
C LEU J 79 -43.91 -17.54 32.32
N GLY J 80 -44.83 -16.61 32.53
CA GLY J 80 -45.62 -16.56 33.75
C GLY J 80 -46.34 -17.87 34.00
N TYR J 81 -46.98 -18.39 32.95
CA TYR J 81 -47.69 -19.67 33.05
C TYR J 81 -46.77 -20.79 33.54
N ARG J 82 -45.47 -20.64 33.28
CA ARG J 82 -44.50 -21.67 33.65
C ARG J 82 -43.88 -21.41 35.03
N LYS J 83 -43.82 -20.14 35.43
CA LYS J 83 -43.29 -19.79 36.73
C LYS J 83 -44.28 -20.22 37.80
N MET J 84 -45.56 -20.18 37.45
CA MET J 84 -46.63 -20.65 38.32
C MET J 84 -46.48 -22.15 38.57
N PHE J 85 -46.36 -22.90 37.48
CA PHE J 85 -46.21 -24.35 37.56
C PHE J 85 -45.01 -24.77 38.40
N LEU J 86 -43.89 -24.08 38.19
CA LEU J 86 -42.61 -24.48 38.79
C LEU J 86 -42.22 -25.86 38.32
N SER K 1 -26.99 4.68 -35.58
CA SER K 1 -27.83 5.66 -34.90
C SER K 1 -29.28 5.20 -34.89
N ALA K 2 -29.91 5.21 -36.06
CA ALA K 2 -31.31 4.78 -36.17
C ALA K 2 -31.48 3.32 -35.75
N PRO K 3 -30.70 2.41 -36.35
CA PRO K 3 -30.83 0.99 -35.99
C PRO K 3 -30.48 0.71 -34.52
N ALA K 4 -29.46 1.36 -33.99
CA ALA K 4 -29.02 1.13 -32.62
C ALA K 4 -30.04 1.65 -31.61
N ASP K 5 -30.73 2.72 -31.95
CA ASP K 5 -31.72 3.31 -31.05
C ASP K 5 -33.01 2.47 -31.05
N TYR K 6 -33.43 2.03 -32.22
CA TYR K 6 -34.62 1.20 -32.33
C TYR K 6 -34.43 -0.10 -31.57
N PHE K 7 -33.29 -0.75 -31.79
CA PHE K 7 -32.98 -2.00 -31.11
C PHE K 7 -32.85 -1.76 -29.61
N ARG K 8 -32.26 -0.64 -29.24
CA ARG K 8 -32.18 -0.23 -27.84
C ARG K 8 -33.56 -0.28 -27.21
N ILE K 9 -34.54 0.29 -27.90
CA ILE K 9 -35.92 0.26 -27.43
C ILE K 9 -36.43 -1.17 -27.31
N LEU K 10 -36.16 -2.00 -28.32
CA LEU K 10 -36.58 -3.40 -28.29
C LEU K 10 -36.01 -4.13 -27.07
N VAL K 11 -34.80 -3.77 -26.69
CA VAL K 11 -34.14 -4.41 -25.56
C VAL K 11 -34.82 -4.00 -24.28
N GLN K 12 -35.10 -2.71 -24.15
CA GLN K 12 -35.80 -2.19 -22.98
C GLN K 12 -37.16 -2.87 -22.85
N GLN K 13 -37.79 -3.16 -23.99
CA GLN K 13 -39.07 -3.86 -24.00
C GLN K 13 -38.92 -5.27 -23.44
N PHE K 14 -37.94 -6.00 -23.95
CA PHE K 14 -37.71 -7.37 -23.52
C PHE K 14 -37.52 -7.44 -22.00
N GLU K 15 -36.62 -6.61 -21.48
CA GLU K 15 -36.31 -6.60 -20.06
C GLU K 15 -37.53 -6.30 -19.21
N VAL K 16 -38.20 -5.18 -19.51
CA VAL K 16 -39.33 -4.75 -18.72
C VAL K 16 -40.47 -5.76 -18.81
N GLN K 17 -40.52 -6.51 -19.92
CA GLN K 17 -41.53 -7.54 -20.10
C GLN K 17 -41.18 -8.73 -19.21
N LEU K 18 -39.88 -8.99 -19.06
CA LEU K 18 -39.40 -10.06 -18.20
C LEU K 18 -39.61 -9.70 -16.73
N GLN K 19 -39.58 -8.41 -16.43
CA GLN K 19 -39.80 -7.94 -15.06
C GLN K 19 -41.28 -8.11 -14.69
N GLN K 20 -42.16 -7.65 -15.57
CA GLN K 20 -43.60 -7.78 -15.34
C GLN K 20 -43.96 -9.25 -15.15
N TYR K 21 -43.42 -10.09 -16.03
CA TYR K 21 -43.65 -11.53 -15.98
C TYR K 21 -43.21 -12.11 -14.64
N ARG K 22 -42.00 -11.74 -14.23
CA ARG K 22 -41.43 -12.23 -12.99
C ARG K 22 -42.27 -11.78 -11.80
N GLN K 23 -42.88 -10.62 -11.92
CA GLN K 23 -43.73 -10.08 -10.86
C GLN K 23 -45.05 -10.84 -10.78
N GLN K 24 -45.60 -11.21 -11.93
CA GLN K 24 -46.84 -11.96 -11.98
C GLN K 24 -46.64 -13.33 -11.34
N ILE K 25 -45.50 -13.95 -11.61
CA ILE K 25 -45.16 -15.22 -10.99
C ILE K 25 -44.94 -15.05 -9.49
N GLU K 26 -44.28 -13.95 -9.10
CA GLU K 26 -44.00 -13.66 -7.70
C GLU K 26 -45.27 -13.33 -6.93
N GLU K 27 -46.28 -12.86 -7.64
CA GLU K 27 -47.58 -12.57 -7.03
C GLU K 27 -48.32 -13.86 -6.76
N LEU K 28 -48.48 -14.65 -7.81
CA LEU K 28 -49.11 -15.97 -7.72
C LEU K 28 -48.43 -16.82 -6.65
N GLU K 29 -47.12 -16.65 -6.51
CA GLU K 29 -46.33 -17.43 -5.55
C GLU K 29 -46.58 -16.95 -4.12
N ASN K 30 -46.48 -15.64 -3.91
CA ASN K 30 -46.73 -15.04 -2.60
C ASN K 30 -48.13 -15.37 -2.10
N HIS K 31 -49.06 -15.50 -3.04
CA HIS K 31 -50.44 -15.81 -2.70
C HIS K 31 -50.55 -17.19 -2.05
N LEU K 32 -49.84 -18.16 -2.60
CA LEU K 32 -49.86 -19.52 -2.08
C LEU K 32 -49.08 -19.60 -0.75
N ALA K 33 -48.02 -18.82 -0.65
CA ALA K 33 -47.23 -18.77 0.57
C ALA K 33 -48.09 -18.29 1.74
N THR K 34 -48.85 -17.23 1.51
CA THR K 34 -49.71 -16.66 2.54
C THR K 34 -50.88 -17.58 2.85
N GLN K 35 -51.41 -18.23 1.82
CA GLN K 35 -52.55 -19.11 1.98
C GLN K 35 -52.13 -20.46 2.56
N ALA K 36 -50.83 -20.63 2.79
CA ALA K 36 -50.31 -21.83 3.44
C ALA K 36 -49.99 -21.53 4.91
N ASN K 37 -49.68 -20.27 5.21
CA ASN K 37 -49.43 -19.85 6.58
C ASN K 37 -50.73 -19.55 7.33
N ASN K 38 -51.86 -19.80 6.68
CA ASN K 38 -53.16 -19.56 7.29
C ASN K 38 -54.03 -20.81 7.25
N SER K 39 -54.43 -21.21 6.05
CA SER K 39 -55.24 -22.40 5.86
C SER K 39 -54.39 -23.49 5.20
N HIS K 40 -55.04 -24.48 4.60
CA HIS K 40 -54.34 -25.51 3.85
C HIS K 40 -54.61 -25.34 2.37
N ILE K 41 -53.54 -25.33 1.57
CA ILE K 41 -53.69 -25.19 0.12
C ILE K 41 -54.54 -26.31 -0.44
N THR K 42 -55.39 -25.98 -1.40
CA THR K 42 -56.39 -26.90 -1.92
C THR K 42 -56.02 -27.36 -3.33
N PRO K 43 -56.41 -28.60 -3.69
CA PRO K 43 -56.21 -29.05 -5.07
C PRO K 43 -56.72 -28.04 -6.09
N GLN K 44 -57.92 -27.52 -5.87
CA GLN K 44 -58.48 -26.49 -6.74
C GLN K 44 -57.54 -25.30 -6.85
N ASP K 45 -56.92 -24.92 -5.73
CA ASP K 45 -55.96 -23.82 -5.73
C ASP K 45 -54.79 -24.16 -6.64
N LEU K 46 -54.31 -25.39 -6.58
CA LEU K 46 -53.20 -25.83 -7.41
C LEU K 46 -53.55 -25.72 -8.88
N SER K 47 -54.76 -26.15 -9.24
CA SER K 47 -55.22 -26.12 -10.62
C SER K 47 -55.29 -24.69 -11.14
N MET K 48 -55.78 -23.78 -10.31
CA MET K 48 -55.88 -22.37 -10.68
C MET K 48 -54.49 -21.78 -10.89
N ALA K 49 -53.55 -22.18 -10.03
CA ALA K 49 -52.19 -21.66 -10.11
C ALA K 49 -51.52 -22.08 -11.41
N MET K 50 -51.61 -23.37 -11.74
CA MET K 50 -50.98 -23.90 -12.93
C MET K 50 -51.59 -23.25 -14.16
N GLN K 51 -52.91 -23.10 -14.16
CA GLN K 51 -53.61 -22.50 -15.28
C GLN K 51 -53.16 -21.05 -15.46
N LYS K 52 -52.92 -20.35 -14.35
CA LYS K 52 -52.48 -18.97 -14.41
C LYS K 52 -51.06 -18.88 -14.93
N ILE K 53 -50.24 -19.89 -14.63
CA ILE K 53 -48.87 -19.93 -15.13
C ILE K 53 -48.86 -20.08 -16.66
N TYR K 54 -49.66 -21.00 -17.17
CA TYR K 54 -49.77 -21.20 -18.61
C TYR K 54 -50.28 -19.93 -19.30
N GLN K 55 -51.30 -19.30 -18.71
CA GLN K 55 -51.87 -18.08 -19.28
C GLN K 55 -50.83 -16.97 -19.36
N THR K 56 -50.10 -16.77 -18.27
CA THR K 56 -49.13 -15.68 -18.18
C THR K 56 -47.96 -15.93 -19.11
N PHE K 57 -47.62 -17.20 -19.34
CA PHE K 57 -46.57 -17.50 -20.30
C PHE K 57 -47.02 -17.30 -21.73
N VAL K 58 -48.28 -17.58 -22.02
CA VAL K 58 -48.79 -17.37 -23.38
C VAL K 58 -48.76 -15.88 -23.71
N ALA K 59 -49.14 -15.05 -22.75
CA ALA K 59 -49.05 -13.60 -22.90
C ALA K 59 -47.59 -13.19 -23.15
N LEU K 60 -46.69 -13.65 -22.28
CA LEU K 60 -45.28 -13.36 -22.43
C LEU K 60 -44.77 -13.77 -23.80
N ALA K 61 -45.27 -14.89 -24.30
CA ALA K 61 -44.77 -15.46 -25.54
C ALA K 61 -45.20 -14.59 -26.71
N ALA K 62 -46.43 -14.06 -26.63
CA ALA K 62 -46.90 -13.11 -27.62
C ALA K 62 -45.98 -11.88 -27.66
N GLN K 63 -45.66 -11.34 -26.47
CA GLN K 63 -44.75 -10.20 -26.39
C GLN K 63 -43.41 -10.50 -27.06
N LEU K 64 -42.86 -11.67 -26.75
CA LEU K 64 -41.55 -12.06 -27.26
C LEU K 64 -41.62 -12.26 -28.76
N GLN K 65 -42.79 -12.69 -29.24
CA GLN K 65 -42.98 -12.94 -30.65
C GLN K 65 -42.95 -11.62 -31.42
N SER K 66 -43.61 -10.59 -30.89
CA SER K 66 -43.59 -9.29 -31.55
C SER K 66 -42.18 -8.71 -31.56
N ILE K 67 -41.44 -8.89 -30.46
CA ILE K 67 -40.05 -8.44 -30.42
C ILE K 67 -39.21 -9.20 -31.44
N HIS K 68 -39.52 -10.48 -31.61
CA HIS K 68 -38.79 -11.34 -32.54
C HIS K 68 -39.03 -10.87 -33.97
N GLU K 69 -40.26 -10.43 -34.26
CA GLU K 69 -40.61 -9.93 -35.59
C GLU K 69 -39.80 -8.67 -35.88
N ASN K 70 -39.76 -7.76 -34.91
CA ASN K 70 -39.01 -6.50 -35.07
C ASN K 70 -37.53 -6.72 -35.36
N VAL K 71 -36.89 -7.60 -34.59
CA VAL K 71 -35.48 -7.90 -34.84
C VAL K 71 -35.30 -8.58 -36.19
N LYS K 72 -36.29 -9.39 -36.59
CA LYS K 72 -36.23 -10.08 -37.87
C LYS K 72 -36.23 -9.08 -39.03
N VAL K 73 -37.03 -8.03 -38.90
CA VAL K 73 -37.03 -6.94 -39.87
C VAL K 73 -35.65 -6.31 -39.92
N LEU K 74 -35.14 -5.93 -38.75
CA LEU K 74 -33.79 -5.35 -38.65
C LEU K 74 -32.75 -6.24 -39.32
N LYS K 75 -32.96 -7.56 -39.25
CA LYS K 75 -32.02 -8.50 -39.82
C LYS K 75 -32.12 -8.48 -41.35
N GLU K 76 -33.35 -8.38 -41.85
CA GLU K 76 -33.58 -8.33 -43.28
C GLU K 76 -32.92 -7.10 -43.90
N GLN K 77 -33.00 -5.98 -43.20
CA GLN K 77 -32.42 -4.73 -43.67
C GLN K 77 -30.89 -4.81 -43.69
N TYR K 78 -30.32 -5.16 -42.53
CA TYR K 78 -28.88 -5.36 -42.44
C TYR K 78 -28.42 -6.34 -43.51
N LEU K 79 -29.28 -7.30 -43.84
CA LEU K 79 -28.96 -8.32 -44.82
C LEU K 79 -28.83 -7.68 -46.21
N GLY K 80 -29.82 -6.87 -46.58
CA GLY K 80 -29.80 -6.20 -47.86
C GLY K 80 -28.55 -5.35 -48.05
N TYR K 81 -28.24 -4.54 -47.06
CA TYR K 81 -27.04 -3.71 -47.11
C TYR K 81 -25.78 -4.56 -47.30
N ARG K 82 -25.68 -5.63 -46.51
CA ARG K 82 -24.52 -6.52 -46.58
C ARG K 82 -24.44 -7.20 -47.94
N LYS K 83 -25.59 -7.45 -48.55
CA LYS K 83 -25.64 -8.17 -49.82
C LYS K 83 -25.08 -7.29 -50.93
N MET K 84 -25.54 -6.04 -50.99
CA MET K 84 -25.08 -5.09 -51.98
C MET K 84 -23.57 -4.84 -51.85
N PHE K 85 -23.13 -4.50 -50.65
CA PHE K 85 -21.72 -4.21 -50.40
C PHE K 85 -20.84 -5.45 -50.52
N LEU K 86 -21.46 -6.61 -50.75
CA LEU K 86 -20.71 -7.85 -50.95
C LEU K 86 -21.34 -8.68 -52.07
N SER L 1 -53.72 -37.51 7.70
CA SER L 1 -54.34 -38.21 6.59
C SER L 1 -53.32 -38.52 5.51
N ALA L 2 -53.30 -39.77 5.05
CA ALA L 2 -52.40 -40.18 3.99
C ALA L 2 -52.55 -39.30 2.75
N PRO L 3 -53.79 -39.10 2.28
CA PRO L 3 -54.01 -38.25 1.11
C PRO L 3 -53.58 -36.80 1.33
N ALA L 4 -53.72 -36.30 2.56
CA ALA L 4 -53.35 -34.92 2.87
C ALA L 4 -51.84 -34.74 2.86
N ASP L 5 -51.11 -35.76 3.31
CA ASP L 5 -49.65 -35.70 3.33
C ASP L 5 -49.11 -35.75 1.91
N TYR L 6 -49.63 -36.68 1.13
CA TYR L 6 -49.22 -36.85 -0.26
C TYR L 6 -49.43 -35.54 -1.05
N PHE L 7 -50.63 -34.97 -0.94
CA PHE L 7 -50.93 -33.73 -1.63
C PHE L 7 -50.05 -32.60 -1.11
N ARG L 8 -49.78 -32.61 0.18
CA ARG L 8 -48.93 -31.58 0.80
C ARG L 8 -47.55 -31.62 0.16
N ILE L 9 -47.07 -32.83 -0.14
CA ILE L 9 -45.81 -33.00 -0.83
C ILE L 9 -45.89 -32.46 -2.26
N LEU L 10 -47.01 -32.75 -2.95
CA LEU L 10 -47.22 -32.21 -4.29
C LEU L 10 -47.22 -30.68 -4.28
N VAL L 11 -47.69 -30.10 -3.19
CA VAL L 11 -47.75 -28.65 -3.06
C VAL L 11 -46.35 -28.10 -2.86
N GLN L 12 -45.55 -28.79 -2.05
CA GLN L 12 -44.17 -28.37 -1.82
C GLN L 12 -43.37 -28.47 -3.12
N GLN L 13 -43.70 -29.45 -3.95
CA GLN L 13 -43.03 -29.63 -5.23
C GLN L 13 -43.36 -28.49 -6.17
N PHE L 14 -44.64 -28.15 -6.27
CA PHE L 14 -45.07 -27.05 -7.13
C PHE L 14 -44.37 -25.76 -6.74
N GLU L 15 -44.47 -25.39 -5.47
CA GLU L 15 -43.88 -24.15 -4.97
C GLU L 15 -42.38 -24.09 -5.27
N VAL L 16 -41.65 -25.14 -4.91
CA VAL L 16 -40.21 -25.13 -5.05
C VAL L 16 -39.78 -25.11 -6.51
N GLN L 17 -40.59 -25.72 -7.38
CA GLN L 17 -40.32 -25.71 -8.81
C GLN L 17 -40.55 -24.31 -9.37
N LEU L 18 -41.54 -23.63 -8.81
CA LEU L 18 -41.87 -22.28 -9.25
C LEU L 18 -40.78 -21.31 -8.79
N GLN L 19 -40.18 -21.60 -7.64
CA GLN L 19 -39.06 -20.82 -7.13
C GLN L 19 -37.85 -20.97 -8.06
N GLN L 20 -37.53 -22.23 -8.38
CA GLN L 20 -36.39 -22.53 -9.24
C GLN L 20 -36.52 -21.80 -10.57
N TYR L 21 -37.70 -21.93 -11.18
CA TYR L 21 -38.01 -21.26 -12.44
C TYR L 21 -37.77 -19.76 -12.32
N ARG L 22 -38.31 -19.17 -11.26
CA ARG L 22 -38.14 -17.74 -11.01
C ARG L 22 -36.67 -17.37 -10.92
N GLN L 23 -35.86 -18.26 -10.34
CA GLN L 23 -34.43 -17.99 -10.17
C GLN L 23 -33.69 -18.05 -11.50
N GLN L 24 -34.09 -18.98 -12.36
CA GLN L 24 -33.45 -19.11 -13.67
C GLN L 24 -33.74 -17.87 -14.50
N ILE L 25 -34.96 -17.34 -14.38
CA ILE L 25 -35.33 -16.13 -15.09
C ILE L 25 -34.70 -14.88 -14.47
N GLU L 26 -34.48 -14.90 -13.16
CA GLU L 26 -33.81 -13.80 -12.48
C GLU L 26 -32.35 -13.77 -12.89
N GLU L 27 -31.78 -14.94 -13.13
CA GLU L 27 -30.38 -15.06 -13.51
C GLU L 27 -30.19 -14.53 -14.92
N LEU L 28 -31.02 -15.00 -15.84
CA LEU L 28 -31.01 -14.53 -17.21
C LEU L 28 -31.26 -13.02 -17.25
N GLU L 29 -32.13 -12.55 -16.37
CA GLU L 29 -32.51 -11.14 -16.33
C GLU L 29 -31.38 -10.28 -15.76
N ASN L 30 -30.60 -10.85 -14.85
CA ASN L 30 -29.45 -10.15 -14.30
C ASN L 30 -28.25 -10.23 -15.24
N HIS L 31 -28.25 -11.25 -16.08
CA HIS L 31 -27.18 -11.45 -17.05
C HIS L 31 -27.22 -10.37 -18.14
N LEU L 32 -28.36 -9.71 -18.26
CA LEU L 32 -28.51 -8.63 -19.23
C LEU L 32 -28.26 -7.27 -18.57
N ALA L 33 -28.50 -7.20 -17.27
CA ALA L 33 -28.19 -6.00 -16.50
C ALA L 33 -26.67 -5.84 -16.41
N THR L 34 -25.96 -6.94 -16.62
CA THR L 34 -24.50 -6.92 -16.62
C THR L 34 -23.97 -6.45 -17.97
N GLN L 35 -24.55 -6.97 -19.05
CA GLN L 35 -24.13 -6.60 -20.39
C GLN L 35 -24.83 -5.34 -20.88
N ALA L 36 -25.28 -4.50 -19.95
CA ALA L 36 -25.84 -3.19 -20.28
C ALA L 36 -24.93 -2.09 -19.73
N ASN L 37 -24.06 -2.44 -18.80
CA ASN L 37 -23.11 -1.49 -18.22
C ASN L 37 -21.76 -1.62 -18.91
N ASN L 38 -21.21 -2.82 -18.90
CA ASN L 38 -19.93 -3.10 -19.54
C ASN L 38 -19.98 -2.89 -21.05
N SER L 39 -21.17 -3.02 -21.62
CA SER L 39 -21.37 -2.85 -23.05
C SER L 39 -22.86 -2.71 -23.34
N HIS L 40 -23.21 -2.76 -24.62
CA HIS L 40 -24.61 -2.76 -25.01
C HIS L 40 -25.04 -4.14 -25.49
N ILE L 41 -26.28 -4.50 -25.21
CA ILE L 41 -26.81 -5.81 -25.58
C ILE L 41 -26.99 -5.92 -27.09
N THR L 42 -26.78 -7.11 -27.63
CA THR L 42 -26.82 -7.32 -29.07
C THR L 42 -28.00 -8.20 -29.48
N PRO L 43 -28.32 -8.24 -30.78
CA PRO L 43 -29.37 -9.12 -31.29
C PRO L 43 -29.11 -10.58 -30.96
N GLN L 44 -27.84 -10.99 -31.04
CA GLN L 44 -27.43 -12.33 -30.64
C GLN L 44 -27.92 -12.62 -29.23
N ASP L 45 -27.58 -11.72 -28.32
CA ASP L 45 -27.98 -11.86 -26.91
C ASP L 45 -29.49 -12.07 -26.80
N LEU L 46 -30.26 -11.19 -27.41
CA LEU L 46 -31.72 -11.27 -27.34
C LEU L 46 -32.22 -12.64 -27.81
N SER L 47 -31.69 -13.10 -28.94
CA SER L 47 -32.12 -14.37 -29.51
C SER L 47 -31.90 -15.52 -28.54
N MET L 48 -30.68 -15.65 -28.04
CA MET L 48 -30.34 -16.72 -27.11
C MET L 48 -31.13 -16.59 -25.81
N ALA L 49 -31.41 -15.35 -25.41
CA ALA L 49 -32.17 -15.10 -24.19
C ALA L 49 -33.60 -15.59 -24.34
N MET L 50 -34.24 -15.23 -25.45
CA MET L 50 -35.61 -15.67 -25.71
C MET L 50 -35.64 -17.19 -25.79
N GLN L 51 -34.63 -17.77 -26.43
CA GLN L 51 -34.52 -19.22 -26.54
C GLN L 51 -34.47 -19.85 -25.15
N LYS L 52 -33.73 -19.23 -24.25
CA LYS L 52 -33.61 -19.74 -22.88
C LYS L 52 -34.98 -19.70 -22.18
N ILE L 53 -35.75 -18.65 -22.46
CA ILE L 53 -37.07 -18.50 -21.86
C ILE L 53 -37.99 -19.64 -22.27
N TYR L 54 -38.04 -19.92 -23.57
CA TYR L 54 -38.87 -21.01 -24.08
C TYR L 54 -38.42 -22.35 -23.52
N GLN L 55 -37.10 -22.57 -23.49
CA GLN L 55 -36.57 -23.83 -22.97
C GLN L 55 -36.94 -24.02 -21.51
N THR L 56 -36.66 -23.01 -20.69
CA THR L 56 -36.88 -23.10 -19.26
C THR L 56 -38.36 -23.29 -18.93
N PHE L 57 -39.24 -22.76 -19.79
CA PHE L 57 -40.67 -22.96 -19.59
C PHE L 57 -41.08 -24.38 -19.95
N VAL L 58 -40.54 -24.90 -21.04
CA VAL L 58 -40.87 -26.26 -21.46
C VAL L 58 -40.47 -27.25 -20.38
N ALA L 59 -39.38 -26.96 -19.67
CA ALA L 59 -38.95 -27.78 -18.56
C ALA L 59 -39.90 -27.63 -17.38
N LEU L 60 -40.30 -26.38 -17.11
CA LEU L 60 -41.26 -26.11 -16.05
C LEU L 60 -42.59 -26.81 -16.34
N ALA L 61 -43.04 -26.74 -17.59
CA ALA L 61 -44.31 -27.33 -17.98
C ALA L 61 -44.31 -28.83 -17.73
N ALA L 62 -43.22 -29.50 -18.10
CA ALA L 62 -43.07 -30.92 -17.84
C ALA L 62 -43.23 -31.20 -16.35
N GLN L 63 -42.60 -30.39 -15.52
CA GLN L 63 -42.72 -30.52 -14.07
C GLN L 63 -44.17 -30.37 -13.63
N LEU L 64 -44.85 -29.36 -14.15
CA LEU L 64 -46.25 -29.12 -13.81
C LEU L 64 -47.13 -30.26 -14.30
N GLN L 65 -46.75 -30.84 -15.43
CA GLN L 65 -47.50 -31.95 -16.01
C GLN L 65 -47.43 -33.16 -15.08
N SER L 66 -46.25 -33.39 -14.52
CA SER L 66 -46.06 -34.48 -13.57
C SER L 66 -46.96 -34.28 -12.36
N ILE L 67 -46.94 -33.07 -11.80
CA ILE L 67 -47.78 -32.73 -10.67
C ILE L 67 -49.26 -32.90 -11.03
N HIS L 68 -49.61 -32.47 -12.23
CA HIS L 68 -50.99 -32.55 -12.70
C HIS L 68 -51.50 -33.99 -12.73
N GLU L 69 -50.65 -34.92 -13.17
CA GLU L 69 -51.05 -36.32 -13.26
C GLU L 69 -51.28 -36.90 -11.87
N ASN L 70 -50.45 -36.50 -10.91
CA ASN L 70 -50.56 -36.99 -9.54
C ASN L 70 -51.86 -36.56 -8.87
N VAL L 71 -52.23 -35.29 -9.04
CA VAL L 71 -53.47 -34.80 -8.47
C VAL L 71 -54.67 -35.41 -9.19
N LYS L 72 -54.49 -35.72 -10.47
CA LYS L 72 -55.56 -36.36 -11.24
C LYS L 72 -55.83 -37.76 -10.72
N VAL L 73 -54.76 -38.47 -10.35
CA VAL L 73 -54.91 -39.79 -9.75
C VAL L 73 -55.68 -39.67 -8.43
N LEU L 74 -55.32 -38.69 -7.62
CA LEU L 74 -56.02 -38.43 -6.36
C LEU L 74 -57.49 -38.18 -6.60
N LYS L 75 -57.80 -37.48 -7.68
CA LYS L 75 -59.19 -37.19 -8.02
C LYS L 75 -59.89 -38.46 -8.49
N GLU L 76 -59.14 -39.36 -9.14
CA GLU L 76 -59.68 -40.61 -9.61
C GLU L 76 -60.06 -41.50 -8.44
N GLN L 77 -59.17 -41.57 -7.45
CA GLN L 77 -59.39 -42.40 -6.28
C GLN L 77 -60.61 -41.92 -5.51
N TYR L 78 -60.59 -40.64 -5.13
CA TYR L 78 -61.72 -40.03 -4.43
C TYR L 78 -63.03 -40.29 -5.16
N LEU L 79 -63.01 -40.11 -6.47
CA LEU L 79 -64.21 -40.32 -7.28
C LEU L 79 -64.77 -41.71 -7.03
N GLY L 80 -63.91 -42.72 -7.12
CA GLY L 80 -64.31 -44.10 -6.92
C GLY L 80 -64.97 -44.33 -5.57
N TYR L 81 -64.37 -43.76 -4.53
CA TYR L 81 -64.94 -43.85 -3.19
C TYR L 81 -66.37 -43.33 -3.17
N ARG L 82 -66.59 -42.21 -3.85
CA ARG L 82 -67.91 -41.57 -3.85
C ARG L 82 -68.90 -42.33 -4.73
N LYS L 83 -68.40 -42.96 -5.79
CA LYS L 83 -69.25 -43.74 -6.68
C LYS L 83 -69.87 -44.89 -5.91
N MET L 84 -69.08 -45.50 -5.03
CA MET L 84 -69.56 -46.55 -4.14
C MET L 84 -70.59 -45.97 -3.18
N PHE L 85 -70.20 -44.90 -2.50
CA PHE L 85 -71.08 -44.21 -1.55
C PHE L 85 -72.40 -43.79 -2.19
N LEU L 86 -72.34 -43.30 -3.43
CA LEU L 86 -73.48 -42.70 -4.09
C LEU L 86 -74.02 -41.54 -3.26
#